data_7ABA
#
_entry.id   7ABA
#
_cell.length_a   50.448
_cell.length_b   97.403
_cell.length_c   93.285
_cell.angle_alpha   90.000
_cell.angle_beta   104.575
_cell.angle_gamma   90.000
#
_symmetry.space_group_name_H-M   'P 1 21 1'
#
loop_
_entity.id
_entity.type
_entity.pdbx_description
1 polymer SalCYP
2 polymer SalCYP
3 non-polymer 'HEME C'
4 water water
#
loop_
_entity_poly.entity_id
_entity_poly.type
_entity_poly.pdbx_seq_one_letter_code
_entity_poly.pdbx_strand_id
1 'polypeptide(L)'
;GGMQADKCPVTGATATTARGDSVEFDFFAAPQAYRRVAAEHRADGAFHSSRGDSFWVLSTYEGICAAFRDEDTFSVSRVS
AADGAEDERWIPLTIQGRTHNEWRRRLAAWFTPQRARDLTPAIRANARRRISAFVDRGEVSFSDEFARPYVLENLMLAVG
WPLADLDHLLAINVAMIRSREAPDPRQAFNAETAFPALQEYVRRHVARRRAEPVEGDLTSATFDWEIDGTPVSDADRESL
LTVLFLAGVDSTVNHMANGIQHLAHHPGDRHRFLRDPEVRPAAVEEFLRVNSCMYPGRLATREGAGGVASQGDTVLLPLA
LANYDPAVFPEPERVDFDREQNPHIAFGTGHHQCLGAAYARAQILTAWEEWHELIPDYRLPDPTVEPPFLRNVYDLRIVW
;
A
2 'polypeptide(L)'
;GGMQADKCPVTGATATTARGDSVEFDFFAAPQAYRRVAAEHARDGAFHSSRGDSFWVLSTYEGICAAFRDEDTFSVSRVS
AADGAEDERWIPLTIQGRTHNEWRRRLAAWFTPQRARDLTPAIRANARRRISAFVDRGEVSFSDEFARPYVLENLMLAVG
WPLADLDHLLAINVAMIRSREAPDPRQAFNAETAFPALQEYVRRHVARRRAEPVEGDLTSATFDWEIDGTPVSDADRESL
LTVLFLAGVDSTVNHMANGIQHLAHHPGDRHRFLRDPEVRPAAVEEFLRVNSCMYPGRLATREGAGGVASQGDTVLLPLA
LANYDPAVFPEPERVDFDREQNPHIAFGTGHHQCLGAAYARAQILTAWEEWHELIPDYRLPDPTVEPPFLRNVYDLRIVW
;
B
#
loop_
_chem_comp.id
_chem_comp.type
_chem_comp.name
_chem_comp.formula
HEC non-polymer 'HEME C' 'C34 H34 Fe N4 O4'
#
# COMPACT_ATOMS: atom_id res chain seq x y z
N GLY A 1 -42.56 47.21 -39.57
CA GLY A 1 -41.38 46.88 -38.75
C GLY A 1 -41.44 45.40 -38.44
N GLY A 2 -40.64 44.98 -37.47
CA GLY A 2 -40.57 43.57 -37.13
C GLY A 2 -41.84 43.09 -36.48
N MET A 3 -42.17 41.83 -36.74
CA MET A 3 -43.27 41.16 -36.08
C MET A 3 -42.86 39.70 -35.86
N GLN A 4 -43.38 39.11 -34.79
CA GLN A 4 -43.14 37.69 -34.52
C GLN A 4 -41.66 37.35 -34.64
N ALA A 5 -40.80 38.23 -34.13
CA ALA A 5 -39.37 37.94 -34.13
C ALA A 5 -39.08 36.62 -33.45
N ASP A 6 -40.01 36.15 -32.60
CA ASP A 6 -39.92 34.82 -32.02
C ASP A 6 -39.84 33.72 -33.07
N LYS A 7 -40.30 33.98 -34.30
CA LYS A 7 -40.49 32.95 -35.31
C LYS A 7 -39.45 33.09 -36.41
N CYS A 8 -38.95 31.96 -36.90
CA CYS A 8 -37.98 31.98 -37.98
C CYS A 8 -38.65 32.55 -39.23
N PRO A 9 -38.04 33.53 -39.91
CA PRO A 9 -38.62 34.00 -41.17
C PRO A 9 -38.74 32.89 -42.19
N VAL A 10 -39.78 33.01 -43.03
CA VAL A 10 -40.04 32.11 -44.16
C VAL A 10 -40.68 30.80 -43.68
N THR A 11 -39.97 30.03 -42.85
CA THR A 11 -40.51 28.75 -42.40
C THR A 11 -41.38 28.87 -41.17
N GLY A 12 -41.13 29.85 -40.30
CA GLY A 12 -42.03 30.17 -39.21
C GLY A 12 -41.86 29.31 -37.97
N ALA A 13 -40.84 28.47 -37.90
CA ALA A 13 -40.64 27.65 -36.71
C ALA A 13 -40.32 28.52 -35.51
N THR A 14 -40.84 28.14 -34.35
CA THR A 14 -40.62 28.89 -33.13
C THR A 14 -39.20 28.68 -32.63
N ALA A 15 -38.54 29.78 -32.27
CA ALA A 15 -37.19 29.69 -31.73
C ALA A 15 -37.17 28.80 -30.49
N THR A 16 -36.15 27.94 -30.41
CA THR A 16 -35.94 27.08 -29.25
C THR A 16 -34.85 27.61 -28.34
N THR A 17 -34.58 28.91 -28.42
CA THR A 17 -33.58 29.56 -27.58
C THR A 17 -33.92 29.41 -26.10
N ALA A 18 -32.88 29.28 -25.28
CA ALA A 18 -33.09 29.26 -23.84
C ALA A 18 -33.63 30.61 -23.35
N ARG A 19 -34.61 30.55 -22.45
CA ARG A 19 -35.46 31.69 -22.11
C ARG A 19 -34.95 32.45 -20.89
N GLY A 20 -34.04 33.41 -21.09
CA GLY A 20 -33.62 34.22 -19.96
C GLY A 20 -32.63 35.36 -20.20
N ASP A 21 -32.83 36.46 -19.47
CA ASP A 21 -31.85 37.54 -19.42
C ASP A 21 -30.59 37.08 -18.67
N SER A 22 -29.47 37.74 -18.97
CA SER A 22 -28.28 37.50 -18.18
C SER A 22 -28.47 38.08 -16.77
N VAL A 23 -27.73 37.54 -15.82
CA VAL A 23 -27.70 38.07 -14.46
C VAL A 23 -26.26 38.38 -14.09
N GLU A 24 -26.09 39.34 -13.18
CA GLU A 24 -24.77 39.71 -12.69
C GLU A 24 -24.38 38.75 -11.58
N PHE A 25 -24.03 37.53 -11.99
CA PHE A 25 -23.77 36.42 -11.06
C PHE A 25 -22.29 36.18 -10.88
N ASP A 26 -21.87 36.15 -9.62
CA ASP A 26 -20.47 35.95 -9.24
C ASP A 26 -20.19 34.47 -9.11
N PHE A 27 -19.23 33.95 -9.88
CA PHE A 27 -18.96 32.52 -9.88
C PHE A 27 -18.34 32.05 -8.55
N PHE A 28 -17.79 32.97 -7.76
CA PHE A 28 -17.11 32.64 -6.51
C PHE A 28 -18.11 32.54 -5.36
N ALA A 29 -19.32 32.07 -5.67
CA ALA A 29 -20.42 32.02 -4.71
C ALA A 29 -20.58 30.61 -4.14
N ALA A 30 -21.27 30.54 -3.00
CA ALA A 30 -21.47 29.26 -2.34
C ALA A 30 -22.50 28.40 -3.07
N PRO A 31 -22.49 27.09 -2.84
CA PRO A 31 -23.47 26.21 -3.49
C PRO A 31 -24.91 26.65 -3.33
N GLN A 32 -25.29 27.12 -2.14
CA GLN A 32 -26.67 27.55 -1.93
C GLN A 32 -27.03 28.72 -2.84
N ALA A 33 -26.05 29.58 -3.13
CA ALA A 33 -26.30 30.69 -4.04
C ALA A 33 -26.46 30.22 -5.49
N TYR A 34 -25.61 29.30 -5.93
CA TYR A 34 -25.79 28.69 -7.24
C TYR A 34 -27.20 28.13 -7.39
N ARG A 35 -27.67 27.39 -6.38
CA ARG A 35 -28.97 26.75 -6.48
C ARG A 35 -30.10 27.77 -6.49
N ARG A 36 -29.98 28.84 -5.69
CA ARG A 36 -31.00 29.87 -5.65
C ARG A 36 -31.08 30.61 -6.99
N VAL A 37 -29.93 31.02 -7.52
CA VAL A 37 -29.90 31.75 -8.78
C VAL A 37 -30.42 30.87 -9.90
N ALA A 38 -30.02 29.61 -9.87
CA ALA A 38 -30.48 28.62 -10.83
C ALA A 38 -32.00 28.49 -10.78
N ALA A 39 -32.56 28.37 -9.57
CA ALA A 39 -34.00 28.21 -9.43
C ALA A 39 -34.75 29.40 -10.02
N GLU A 40 -34.18 30.59 -9.88
CA GLU A 40 -34.86 31.81 -10.30
C GLU A 40 -34.64 32.13 -11.78
N HIS A 41 -33.54 31.71 -12.39
CA HIS A 41 -33.13 32.23 -13.68
C HIS A 41 -32.86 31.18 -14.75
N ARG A 42 -32.61 29.92 -14.39
CA ARG A 42 -32.32 28.92 -15.41
C ARG A 42 -33.44 28.83 -16.42
N ALA A 43 -33.06 28.71 -17.67
CA ALA A 43 -34.01 28.50 -18.75
C ALA A 43 -33.49 27.37 -19.61
N ASP A 44 -34.25 26.29 -19.69
CA ASP A 44 -33.91 25.16 -20.54
C ASP A 44 -32.49 24.69 -20.24
N GLY A 45 -32.21 24.50 -18.95
CA GLY A 45 -30.99 23.88 -18.52
C GLY A 45 -29.80 24.78 -18.31
N ALA A 46 -29.98 26.10 -18.32
CA ALA A 46 -28.82 26.97 -18.12
C ALA A 46 -29.27 28.39 -17.78
N PHE A 47 -28.36 29.14 -17.18
CA PHE A 47 -28.51 30.59 -17.07
C PHE A 47 -27.19 31.23 -17.44
N HIS A 48 -27.24 32.51 -17.76
CA HIS A 48 -26.07 33.23 -18.25
C HIS A 48 -25.71 34.37 -17.30
N SER A 49 -24.43 34.49 -17.01
CA SER A 49 -23.91 35.57 -16.19
C SER A 49 -23.21 36.61 -17.06
N SER A 50 -23.59 37.87 -16.88
CA SER A 50 -22.95 38.97 -17.57
C SER A 50 -21.77 39.53 -16.80
N ARG A 51 -21.48 38.99 -15.62
CA ARG A 51 -20.44 39.55 -14.77
C ARG A 51 -19.06 39.29 -15.36
N GLY A 52 -18.22 40.33 -15.33
CA GLY A 52 -16.86 40.18 -15.84
C GLY A 52 -16.86 39.82 -17.32
N ASP A 53 -16.04 38.83 -17.67
CA ASP A 53 -15.97 38.37 -19.05
C ASP A 53 -17.25 37.66 -19.48
N SER A 54 -18.09 37.25 -18.53
CA SER A 54 -19.37 36.58 -18.81
C SER A 54 -19.15 35.08 -18.99
N PHE A 55 -20.18 34.29 -18.74
CA PHE A 55 -20.07 32.84 -18.79
C PHE A 55 -21.45 32.23 -18.67
N TRP A 56 -21.59 31.03 -19.21
CA TRP A 56 -22.80 30.25 -19.07
C TRP A 56 -22.66 29.32 -17.87
N VAL A 57 -23.79 29.00 -17.26
CA VAL A 57 -23.85 28.03 -16.16
C VAL A 57 -24.89 26.99 -16.52
N LEU A 58 -24.47 25.76 -16.76
CA LEU A 58 -25.42 24.67 -16.93
C LEU A 58 -26.00 24.26 -15.59
N SER A 59 -27.25 23.83 -15.61
CA SER A 59 -27.99 23.69 -14.37
C SER A 59 -28.70 22.35 -14.18
N THR A 60 -28.56 21.41 -15.10
CA THR A 60 -29.18 20.09 -14.91
C THR A 60 -28.11 19.00 -14.87
N TYR A 61 -28.46 17.90 -14.21
CA TYR A 61 -27.56 16.75 -14.16
C TYR A 61 -27.29 16.22 -15.56
N GLU A 62 -28.35 16.07 -16.36
CA GLU A 62 -28.19 15.53 -17.71
C GLU A 62 -27.27 16.41 -18.54
N GLY A 63 -27.51 17.73 -18.51
CA GLY A 63 -26.72 18.64 -19.31
C GLY A 63 -25.28 18.73 -18.86
N ILE A 64 -25.07 18.74 -17.53
CA ILE A 64 -23.73 18.82 -17.00
C ILE A 64 -22.95 17.56 -17.32
N CYS A 65 -23.55 16.39 -17.10
CA CYS A 65 -22.88 15.14 -17.48
C CYS A 65 -22.54 15.11 -18.96
N ALA A 66 -23.46 15.55 -19.81
CA ALA A 66 -23.21 15.50 -21.26
C ALA A 66 -22.04 16.38 -21.63
N ALA A 67 -21.93 17.54 -20.97
CA ALA A 67 -20.83 18.45 -21.26
C ALA A 67 -19.49 17.87 -20.81
N PHE A 68 -19.45 17.28 -19.60
CA PHE A 68 -18.26 16.59 -19.13
C PHE A 68 -17.82 15.51 -20.10
N ARG A 69 -18.76 14.87 -20.77
CA ARG A 69 -18.47 13.70 -21.59
C ARG A 69 -18.25 14.03 -23.06
N ASP A 70 -18.25 15.31 -23.43
CA ASP A 70 -18.07 15.74 -24.83
C ASP A 70 -16.95 16.77 -24.88
N GLU A 71 -15.71 16.29 -24.81
CA GLU A 71 -14.53 17.16 -24.78
C GLU A 71 -14.34 17.93 -26.08
N ASP A 72 -14.80 17.39 -27.21
CA ASP A 72 -14.64 18.10 -28.47
C ASP A 72 -15.44 19.40 -28.46
N THR A 73 -16.63 19.37 -27.86
CA THR A 73 -17.49 20.54 -27.78
C THR A 73 -17.15 21.42 -26.60
N PHE A 74 -16.79 20.82 -25.47
CA PHE A 74 -16.49 21.53 -24.23
C PHE A 74 -15.04 21.24 -23.87
N SER A 75 -14.15 22.14 -24.27
CA SER A 75 -12.71 21.95 -24.18
C SER A 75 -12.16 22.35 -22.82
N VAL A 76 -11.08 21.68 -22.40
CA VAL A 76 -10.39 22.03 -21.15
C VAL A 76 -9.24 22.99 -21.39
N SER A 77 -8.99 23.41 -22.62
CA SER A 77 -7.92 24.37 -22.86
C SER A 77 -8.24 25.69 -22.18
N ARG A 78 -7.20 26.36 -21.70
CA ARG A 78 -7.38 27.62 -20.95
C ARG A 78 -6.65 28.77 -21.63
N GLU A 88 -1.93 28.23 -21.04
CA GLU A 88 -1.84 27.80 -19.65
C GLU A 88 -1.90 26.27 -19.60
N ARG A 89 -0.85 25.66 -19.04
CA ARG A 89 -0.61 24.23 -19.17
C ARG A 89 -0.48 23.61 -17.77
N TRP A 90 -1.47 22.78 -17.40
CA TRP A 90 -1.47 22.07 -16.12
C TRP A 90 -1.67 20.59 -16.41
N ILE A 91 -0.64 19.78 -16.15
CA ILE A 91 -0.71 18.35 -16.44
C ILE A 91 -1.46 17.66 -15.31
N PRO A 92 -2.54 16.89 -15.59
CA PRO A 92 -3.19 16.57 -16.87
C PRO A 92 -4.49 17.35 -17.12
N LEU A 93 -4.76 18.36 -16.29
CA LEU A 93 -6.05 19.05 -16.29
C LEU A 93 -6.37 19.68 -17.65
N THR A 94 -5.37 20.26 -18.32
CA THR A 94 -5.62 21.03 -19.53
C THR A 94 -5.21 20.28 -20.78
N ILE A 95 -4.91 18.99 -20.67
CA ILE A 95 -4.54 18.13 -21.79
C ILE A 95 -5.78 17.40 -22.26
N GLN A 96 -5.85 17.11 -23.57
CA GLN A 96 -7.02 16.46 -24.17
C GLN A 96 -6.59 15.30 -25.05
N GLY A 97 -7.58 14.48 -25.42
CA GLY A 97 -7.40 13.50 -26.47
C GLY A 97 -6.43 12.39 -26.13
N ARG A 98 -5.77 11.87 -27.16
CA ARG A 98 -4.86 10.74 -26.99
C ARG A 98 -3.80 11.05 -25.94
N THR A 99 -3.25 12.27 -25.96
CA THR A 99 -2.19 12.63 -25.03
C THR A 99 -2.67 12.59 -23.58
N HIS A 100 -3.88 13.09 -23.34
CA HIS A 100 -4.42 13.02 -21.99
C HIS A 100 -4.58 11.56 -21.53
N ASN A 101 -5.07 10.70 -22.42
CA ASN A 101 -5.21 9.30 -22.06
C ASN A 101 -3.85 8.69 -21.72
N GLU A 102 -2.80 9.10 -22.43
CA GLU A 102 -1.47 8.59 -22.13
C GLU A 102 -1.02 8.98 -20.73
N TRP A 103 -1.22 10.24 -20.35
CA TRP A 103 -0.90 10.66 -18.98
C TRP A 103 -1.69 9.85 -17.97
N ARG A 104 -2.99 9.66 -18.21
CA ARG A 104 -3.80 8.89 -17.27
C ARG A 104 -3.35 7.43 -17.20
N ARG A 105 -2.90 6.87 -18.33
CA ARG A 105 -2.35 5.52 -18.32
C ARG A 105 -1.10 5.42 -17.46
N ARG A 106 -0.19 6.40 -17.56
CA ARG A 106 1.03 6.36 -16.76
C ARG A 106 0.71 6.51 -15.28
N LEU A 107 -0.26 7.36 -14.96
CA LEU A 107 -0.62 7.68 -13.58
C LEU A 107 -1.47 6.61 -12.90
N ALA A 108 -2.16 5.78 -13.69
CA ALA A 108 -3.23 4.95 -13.14
C ALA A 108 -2.76 4.11 -11.97
N ALA A 109 -1.62 3.44 -12.11
CA ALA A 109 -1.18 2.46 -11.13
C ALA A 109 -1.00 3.08 -9.75
N TRP A 110 -0.69 4.38 -9.69
CA TRP A 110 -0.42 5.04 -8.43
C TRP A 110 -1.69 5.41 -7.68
N PHE A 111 -2.86 5.28 -8.32
CA PHE A 111 -4.12 5.76 -7.74
C PHE A 111 -5.28 4.80 -8.00
N THR A 112 -5.00 3.52 -8.12
CA THR A 112 -6.06 2.54 -8.34
C THR A 112 -6.85 2.32 -7.06
N PRO A 113 -8.05 1.74 -7.18
CA PRO A 113 -8.74 1.27 -5.97
C PRO A 113 -7.91 0.29 -5.15
N GLN A 114 -7.20 -0.65 -5.81
CA GLN A 114 -6.41 -1.59 -5.02
C GLN A 114 -5.30 -0.88 -4.26
N ARG A 115 -4.67 0.15 -4.86
CA ARG A 115 -3.64 0.84 -4.10
C ARG A 115 -4.24 1.66 -2.96
N ALA A 116 -5.43 2.24 -3.15
CA ALA A 116 -6.09 2.92 -2.03
C ALA A 116 -6.30 1.94 -0.87
N ARG A 117 -6.72 0.70 -1.18
CA ARG A 117 -6.85 -0.30 -0.13
C ARG A 117 -5.48 -0.64 0.47
N ASP A 118 -4.45 -0.76 -0.36
CA ASP A 118 -3.11 -1.04 0.14
C ASP A 118 -2.63 0.04 1.11
N LEU A 119 -3.04 1.29 0.89
CA LEU A 119 -2.63 2.40 1.74
C LEU A 119 -3.57 2.65 2.90
N THR A 120 -4.67 1.91 3.00
CA THR A 120 -5.66 2.24 4.02
C THR A 120 -5.17 1.90 5.42
N PRO A 121 -4.41 0.82 5.64
CA PRO A 121 -3.86 0.61 6.98
C PRO A 121 -2.97 1.76 7.43
N ALA A 122 -2.19 2.35 6.51
CA ALA A 122 -1.39 3.52 6.83
C ALA A 122 -2.27 4.73 7.14
N ILE A 123 -3.26 4.99 6.28
CA ILE A 123 -4.21 6.07 6.51
C ILE A 123 -4.84 5.92 7.89
N ARG A 124 -5.25 4.68 8.22
CA ARG A 124 -5.90 4.43 9.50
C ARG A 124 -4.96 4.70 10.67
N ALA A 125 -3.70 4.27 10.55
CA ALA A 125 -2.73 4.53 11.61
C ALA A 125 -2.51 6.03 11.78
N ASN A 126 -2.50 6.76 10.66
CA ASN A 126 -2.37 8.21 10.68
C ASN A 126 -3.54 8.86 11.43
N ALA A 127 -4.77 8.52 11.04
CA ALA A 127 -5.94 9.08 11.73
C ALA A 127 -5.90 8.75 13.23
N ARG A 128 -5.65 7.49 13.56
CA ARG A 128 -5.69 7.07 14.96
C ARG A 128 -4.62 7.77 15.77
N ARG A 129 -3.40 7.86 15.23
CA ARG A 129 -2.32 8.58 15.90
C ARG A 129 -2.71 10.02 16.18
N ARG A 130 -3.24 10.70 15.17
CA ARG A 130 -3.53 12.13 15.30
C ARG A 130 -4.69 12.37 16.26
N ILE A 131 -5.78 11.60 16.15
CA ILE A 131 -6.93 11.80 17.02
C ILE A 131 -6.58 11.46 18.46
N SER A 132 -5.85 10.36 18.68
CA SER A 132 -5.45 9.99 20.03
C SER A 132 -4.67 11.10 20.71
N ALA A 133 -3.97 11.91 19.93
CA ALA A 133 -3.14 12.96 20.49
C ALA A 133 -3.92 14.19 20.96
N PHE A 134 -5.21 14.33 20.59
CA PHE A 134 -6.00 15.45 21.11
C PHE A 134 -7.31 15.01 21.77
N VAL A 135 -7.56 13.71 21.92
CA VAL A 135 -8.82 13.29 22.54
C VAL A 135 -8.94 13.82 23.97
N ASP A 136 -7.82 13.95 24.70
CA ASP A 136 -7.89 14.44 26.08
C ASP A 136 -8.24 15.92 26.16
N ARG A 137 -8.11 16.66 25.07
CA ARG A 137 -8.33 18.10 25.09
C ARG A 137 -9.80 18.48 25.16
N GLY A 138 -10.69 17.66 24.61
CA GLY A 138 -12.10 18.00 24.57
C GLY A 138 -12.46 19.04 23.54
N GLU A 139 -11.53 19.40 22.67
CA GLU A 139 -11.79 20.35 21.60
C GLU A 139 -10.68 20.25 20.56
N VAL A 140 -11.04 20.57 19.31
CA VAL A 140 -10.05 20.67 18.25
C VAL A 140 -10.60 21.60 17.18
N SER A 141 -9.70 22.29 16.50
CA SER A 141 -10.04 22.95 15.25
C SER A 141 -9.91 21.88 14.17
N PHE A 142 -11.05 21.37 13.73
CA PHE A 142 -11.07 20.10 13.01
C PHE A 142 -10.16 20.13 11.79
N SER A 143 -10.26 21.16 10.96
CA SER A 143 -9.51 21.14 9.71
C SER A 143 -8.08 21.61 9.89
N ASP A 144 -7.87 22.67 10.69
CA ASP A 144 -6.52 23.21 10.86
C ASP A 144 -5.60 22.22 11.57
N GLU A 145 -6.08 21.59 12.63
CA GLU A 145 -5.22 20.80 13.50
C GLU A 145 -5.27 19.31 13.19
N PHE A 146 -6.33 18.82 12.56
CA PHE A 146 -6.43 17.40 12.24
C PHE A 146 -6.53 17.15 10.73
N ALA A 147 -7.62 17.57 10.09
CA ALA A 147 -7.90 17.02 8.76
C ALA A 147 -6.85 17.43 7.74
N ARG A 148 -6.39 18.68 7.78
CA ARG A 148 -5.47 19.13 6.74
C ARG A 148 -4.12 18.44 6.84
N PRO A 149 -3.46 18.36 7.99
CA PRO A 149 -2.19 17.62 8.02
C PRO A 149 -2.38 16.12 7.80
N TYR A 150 -3.49 15.55 8.25
CA TYR A 150 -3.86 14.18 7.93
C TYR A 150 -3.89 13.94 6.41
N VAL A 151 -4.68 14.75 5.69
CA VAL A 151 -4.84 14.56 4.25
C VAL A 151 -3.51 14.82 3.54
N LEU A 152 -2.77 15.83 3.96
CA LEU A 152 -1.49 16.13 3.34
C LEU A 152 -0.48 15.01 3.58
N GLU A 153 -0.42 14.47 4.80
CA GLU A 153 0.42 13.30 5.06
C GLU A 153 0.07 12.15 4.13
N ASN A 154 -1.23 11.87 3.96
CA ASN A 154 -1.65 10.80 3.06
C ASN A 154 -1.23 11.06 1.63
N LEU A 155 -1.41 12.30 1.16
CA LEU A 155 -0.99 12.66 -0.20
C LEU A 155 0.51 12.46 -0.37
N MET A 156 1.31 12.93 0.59
CA MET A 156 2.76 12.82 0.50
C MET A 156 3.18 11.36 0.43
N LEU A 157 2.50 10.49 1.17
CA LEU A 157 2.82 9.06 1.12
C LEU A 157 2.52 8.48 -0.26
N ALA A 158 1.41 8.91 -0.88
CA ALA A 158 1.03 8.34 -2.17
C ALA A 158 1.94 8.85 -3.28
N VAL A 159 2.34 10.12 -3.21
CA VAL A 159 3.11 10.75 -4.27
C VAL A 159 4.61 10.64 -4.05
N GLY A 160 5.05 10.38 -2.82
CA GLY A 160 6.46 10.19 -2.55
C GLY A 160 7.19 11.42 -2.08
N TRP A 161 6.51 12.35 -1.43
CA TRP A 161 7.20 13.49 -0.85
C TRP A 161 7.65 13.14 0.56
N PRO A 162 8.91 13.40 0.93
CA PRO A 162 9.40 13.02 2.26
C PRO A 162 8.57 13.64 3.37
N LEU A 163 8.19 12.81 4.35
CA LEU A 163 7.31 13.31 5.41
C LEU A 163 7.98 14.34 6.30
N ALA A 164 9.31 14.39 6.30
CA ALA A 164 9.99 15.45 7.05
C ALA A 164 9.61 16.83 6.54
N ASP A 165 9.09 16.93 5.31
CA ASP A 165 8.69 18.19 4.70
C ASP A 165 7.23 18.56 4.94
N LEU A 166 6.52 17.84 5.81
CA LEU A 166 5.10 18.08 5.98
C LEU A 166 4.82 19.49 6.49
N ASP A 167 5.56 19.96 7.50
CA ASP A 167 5.26 21.28 8.05
C ASP A 167 5.45 22.37 7.00
N HIS A 168 6.48 22.22 6.17
CA HIS A 168 6.74 23.15 5.07
C HIS A 168 5.58 23.18 4.08
N LEU A 169 5.19 22.01 3.58
CA LEU A 169 4.11 21.96 2.60
C LEU A 169 2.79 22.41 3.21
N LEU A 170 2.57 22.10 4.49
CA LEU A 170 1.36 22.56 5.16
C LEU A 170 1.32 24.08 5.23
N ALA A 171 2.46 24.71 5.49
CA ALA A 171 2.50 26.17 5.58
C ALA A 171 2.19 26.81 4.24
N ILE A 172 2.70 26.21 3.16
CA ILE A 172 2.37 26.68 1.81
C ILE A 172 0.87 26.54 1.54
N ASN A 173 0.32 25.37 1.87
CA ASN A 173 -1.10 25.11 1.67
C ASN A 173 -1.96 26.15 2.39
N VAL A 174 -1.65 26.40 3.66
CA VAL A 174 -2.44 27.34 4.46
C VAL A 174 -2.32 28.76 3.92
N ALA A 175 -1.13 29.16 3.46
CA ALA A 175 -0.97 30.48 2.89
C ALA A 175 -1.82 30.66 1.64
N MET A 176 -1.99 29.61 0.84
CA MET A 176 -2.86 29.68 -0.33
C MET A 176 -4.33 29.83 0.09
N ILE A 177 -4.78 29.01 1.04
CA ILE A 177 -6.14 29.11 1.53
C ILE A 177 -6.45 30.52 2.02
N ARG A 178 -5.51 31.12 2.75
CA ARG A 178 -5.72 32.40 3.41
C ARG A 178 -5.29 33.58 2.53
N SER A 179 -5.17 33.37 1.23
CA SER A 179 -4.58 34.38 0.35
C SER A 179 -5.40 35.65 0.27
N ARG A 180 -6.70 35.60 0.55
CA ARG A 180 -7.54 36.79 0.50
C ARG A 180 -7.77 37.41 1.86
N GLU A 181 -7.22 36.83 2.93
CA GLU A 181 -7.29 37.40 4.26
C GLU A 181 -6.32 38.58 4.38
N ALA A 182 -6.52 39.37 5.42
CA ALA A 182 -5.62 40.49 5.67
C ALA A 182 -4.20 39.95 5.84
N PRO A 183 -3.20 40.59 5.21
CA PRO A 183 -1.83 40.08 5.33
C PRO A 183 -1.37 39.97 6.77
N ASP A 184 -0.60 38.92 7.05
CA ASP A 184 0.00 38.70 8.36
C ASP A 184 1.51 38.82 8.21
N PRO A 185 2.13 39.93 8.66
CA PRO A 185 3.55 40.16 8.36
C PRO A 185 4.52 39.24 9.09
N ARG A 186 4.03 38.33 9.93
CA ARG A 186 4.90 37.37 10.59
C ARG A 186 5.06 36.08 9.80
N GLN A 187 4.38 35.92 8.68
CA GLN A 187 4.34 34.65 7.97
C GLN A 187 5.48 34.55 6.96
N ALA A 188 6.11 33.38 6.93
CA ALA A 188 7.18 33.10 5.99
C ALA A 188 6.68 32.77 4.60
N PHE A 189 5.38 32.47 4.45
CA PHE A 189 4.73 32.31 3.16
C PHE A 189 3.46 33.15 3.15
N ASN A 190 3.17 33.80 2.03
CA ASN A 190 1.97 34.62 1.95
C ASN A 190 1.34 34.47 0.58
N ALA A 191 0.33 35.32 0.30
CA ALA A 191 -0.46 35.17 -0.93
C ALA A 191 0.42 35.22 -2.16
N GLU A 192 1.47 36.06 -2.14
CA GLU A 192 2.31 36.26 -3.31
C GLU A 192 3.43 35.25 -3.44
N THR A 193 3.89 34.65 -2.36
CA THR A 193 5.04 33.76 -2.43
C THR A 193 4.68 32.28 -2.36
N ALA A 194 3.45 31.93 -1.98
CA ALA A 194 3.11 30.53 -1.75
C ALA A 194 3.32 29.70 -3.01
N PHE A 195 2.82 30.16 -4.16
CA PHE A 195 2.95 29.34 -5.36
C PHE A 195 4.39 29.26 -5.83
N PRO A 196 5.14 30.36 -5.92
CA PRO A 196 6.58 30.21 -6.21
C PRO A 196 7.31 29.29 -5.23
N ALA A 197 6.96 29.35 -3.95
CA ALA A 197 7.57 28.44 -2.98
C ALA A 197 7.27 27.00 -3.33
N LEU A 198 6.03 26.71 -3.73
CA LEU A 198 5.69 25.36 -4.15
C LEU A 198 6.50 24.94 -5.38
N GLN A 199 6.60 25.82 -6.37
CA GLN A 199 7.36 25.50 -7.57
C GLN A 199 8.81 25.18 -7.23
N GLU A 200 9.42 25.97 -6.35
CA GLU A 200 10.80 25.71 -5.95
C GLU A 200 10.92 24.37 -5.23
N TYR A 201 9.94 24.05 -4.35
CA TYR A 201 9.96 22.77 -3.67
C TYR A 201 9.89 21.62 -4.68
N VAL A 202 9.01 21.75 -5.67
CA VAL A 202 8.86 20.69 -6.66
C VAL A 202 10.15 20.53 -7.46
N ARG A 203 10.77 21.65 -7.85
CA ARG A 203 12.04 21.57 -8.57
C ARG A 203 13.11 20.88 -7.73
N ARG A 204 13.18 21.20 -6.44
CA ARG A 204 14.16 20.54 -5.58
C ARG A 204 13.86 19.06 -5.46
N HIS A 205 12.58 18.69 -5.42
CA HIS A 205 12.21 17.29 -5.33
C HIS A 205 12.61 16.52 -6.58
N VAL A 206 12.36 17.10 -7.77
CA VAL A 206 12.82 16.45 -9.00
C VAL A 206 14.34 16.26 -8.96
N ALA A 207 15.07 17.28 -8.52
CA ALA A 207 16.52 17.15 -8.46
C ALA A 207 16.96 16.07 -7.47
N ARG A 208 16.26 15.96 -6.35
CA ARG A 208 16.60 14.94 -5.35
C ARG A 208 16.45 13.54 -5.94
N ARG A 209 15.33 13.28 -6.61
CA ARG A 209 15.05 11.94 -7.13
C ARG A 209 15.85 11.65 -8.39
N ARG A 210 16.20 12.69 -9.16
CA ARG A 210 17.13 12.49 -10.27
C ARG A 210 18.50 12.06 -9.76
N ALA A 211 18.98 12.68 -8.67
CA ALA A 211 20.28 12.30 -8.13
C ALA A 211 20.22 10.93 -7.48
N GLU A 212 19.12 10.60 -6.82
CA GLU A 212 18.97 9.33 -6.11
C GLU A 212 17.56 8.81 -6.33
N PRO A 213 17.33 8.07 -7.43
CA PRO A 213 16.00 7.54 -7.68
C PRO A 213 15.62 6.48 -6.66
N VAL A 214 14.31 6.38 -6.38
CA VAL A 214 13.79 5.52 -5.33
C VAL A 214 12.75 4.60 -5.92
N GLU A 215 12.84 3.31 -5.57
CA GLU A 215 11.86 2.33 -6.03
C GLU A 215 10.47 2.67 -5.50
N GLY A 216 9.48 2.61 -6.39
CA GLY A 216 8.10 2.88 -6.00
C GLY A 216 7.79 4.33 -5.76
N ASP A 217 8.69 5.23 -6.13
CA ASP A 217 8.52 6.67 -5.97
C ASP A 217 8.00 7.23 -7.29
N LEU A 218 6.91 8.01 -7.21
CA LEU A 218 6.26 8.47 -8.44
C LEU A 218 7.20 9.31 -9.29
N THR A 219 7.87 10.29 -8.67
CA THR A 219 8.76 11.17 -9.43
C THR A 219 9.87 10.38 -10.12
N SER A 220 10.48 9.43 -9.40
CA SER A 220 11.52 8.61 -10.00
C SER A 220 10.98 7.84 -11.19
N ALA A 221 9.73 7.36 -11.11
CA ALA A 221 9.17 6.61 -12.22
C ALA A 221 9.00 7.47 -13.47
N THR A 222 8.69 8.76 -13.31
CA THR A 222 8.46 9.61 -14.48
C THR A 222 9.71 9.81 -15.32
N PHE A 223 10.90 9.58 -14.75
CA PHE A 223 12.12 9.74 -15.54
C PHE A 223 12.16 8.75 -16.70
N ASP A 224 11.43 7.63 -16.58
CA ASP A 224 11.37 6.62 -17.62
C ASP A 224 10.08 6.67 -18.42
N TRP A 225 9.20 7.62 -18.13
CA TRP A 225 7.94 7.73 -18.85
C TRP A 225 8.16 8.33 -20.22
N GLU A 226 7.40 7.83 -21.19
CA GLU A 226 7.28 8.45 -22.50
C GLU A 226 5.84 8.90 -22.70
N ILE A 227 5.69 10.03 -23.39
CA ILE A 227 4.39 10.52 -23.79
C ILE A 227 4.55 11.17 -25.16
N ASP A 228 3.62 10.86 -26.07
CA ASP A 228 3.75 11.29 -27.46
C ASP A 228 5.07 10.82 -28.05
N GLY A 229 5.52 9.63 -27.63
CA GLY A 229 6.71 9.01 -28.19
C GLY A 229 8.03 9.55 -27.71
N THR A 230 8.06 10.53 -26.82
CA THR A 230 9.31 11.10 -26.35
C THR A 230 9.31 11.16 -24.83
N PRO A 231 10.48 11.28 -24.20
CA PRO A 231 10.53 11.32 -22.75
C PRO A 231 9.77 12.53 -22.20
N VAL A 232 9.19 12.34 -21.01
CA VAL A 232 8.52 13.42 -20.32
C VAL A 232 9.52 14.53 -20.04
N SER A 233 9.10 15.78 -20.24
CA SER A 233 9.97 16.91 -20.00
C SER A 233 9.94 17.29 -18.51
N ASP A 234 11.02 17.94 -18.07
CA ASP A 234 11.02 18.47 -16.69
C ASP A 234 9.88 19.44 -16.48
N ALA A 235 9.55 20.23 -17.50
CA ALA A 235 8.44 21.18 -17.36
C ALA A 235 7.13 20.44 -17.08
N ASP A 236 6.86 19.35 -17.81
CA ASP A 236 5.62 18.61 -17.59
C ASP A 236 5.66 17.85 -16.27
N ARG A 237 6.84 17.33 -15.92
CA ARG A 237 7.02 16.65 -14.63
C ARG A 237 6.74 17.59 -13.48
N GLU A 238 7.24 18.82 -13.55
CA GLU A 238 6.99 19.79 -12.49
C GLU A 238 5.54 20.22 -12.48
N SER A 239 4.94 20.41 -13.66
CA SER A 239 3.51 20.74 -13.72
C SER A 239 2.68 19.68 -13.02
N LEU A 240 2.92 18.41 -13.36
CA LEU A 240 2.16 17.31 -12.79
C LEU A 240 2.26 17.31 -11.26
N LEU A 241 3.47 17.45 -10.74
CA LEU A 241 3.65 17.41 -9.29
C LEU A 241 2.95 18.60 -8.64
N THR A 242 2.98 19.76 -9.30
CA THR A 242 2.26 20.92 -8.79
C THR A 242 0.76 20.67 -8.75
N VAL A 243 0.21 20.08 -9.82
CA VAL A 243 -1.22 19.79 -9.87
C VAL A 243 -1.62 18.81 -8.77
N LEU A 244 -0.81 17.76 -8.55
CA LEU A 244 -1.14 16.80 -7.50
C LEU A 244 -1.21 17.47 -6.13
N PHE A 245 -0.30 18.40 -5.86
CA PHE A 245 -0.35 19.15 -4.60
C PHE A 245 -1.60 20.03 -4.54
N LEU A 246 -1.86 20.78 -5.60
CA LEU A 246 -2.96 21.74 -5.58
C LEU A 246 -4.31 21.05 -5.56
N ALA A 247 -4.40 19.84 -6.12
CA ALA A 247 -5.65 19.12 -6.24
C ALA A 247 -5.92 18.16 -5.08
N GLY A 248 -4.89 17.74 -4.36
CA GLY A 248 -4.97 16.58 -3.51
C GLY A 248 -5.24 16.81 -2.03
N VAL A 249 -5.57 18.04 -1.62
CA VAL A 249 -5.77 18.30 -0.20
C VAL A 249 -7.13 18.93 0.09
N ASP A 250 -7.39 20.13 -0.44
CA ASP A 250 -8.47 20.97 0.08
C ASP A 250 -9.85 20.33 -0.10
N SER A 251 -10.14 19.77 -1.27
CA SER A 251 -11.46 19.16 -1.47
C SER A 251 -11.71 18.03 -0.49
N THR A 252 -10.69 17.21 -0.22
CA THR A 252 -10.84 16.12 0.74
C THR A 252 -11.08 16.66 2.15
N VAL A 253 -10.26 17.63 2.56
CA VAL A 253 -10.41 18.24 3.88
C VAL A 253 -11.81 18.81 4.04
N ASN A 254 -12.29 19.55 3.04
CA ASN A 254 -13.54 20.26 3.24
C ASN A 254 -14.73 19.32 3.18
N HIS A 255 -14.63 18.22 2.44
CA HIS A 255 -15.65 17.18 2.54
C HIS A 255 -15.64 16.53 3.93
N MET A 256 -14.46 16.27 4.48
CA MET A 256 -14.38 15.73 5.83
C MET A 256 -15.05 16.66 6.83
N ALA A 257 -14.78 17.97 6.70
CA ALA A 257 -15.26 18.93 7.69
C ALA A 257 -16.76 19.15 7.58
N ASN A 258 -17.29 19.28 6.35
CA ASN A 258 -18.73 19.49 6.22
C ASN A 258 -19.49 18.27 6.72
N GLY A 259 -18.96 17.08 6.50
CA GLY A 259 -19.63 15.87 6.98
C GLY A 259 -19.63 15.77 8.51
N ILE A 260 -18.47 15.99 9.13
CA ILE A 260 -18.41 15.89 10.59
C ILE A 260 -19.19 17.03 11.25
N GLN A 261 -19.25 18.20 10.60
CA GLN A 261 -20.06 19.29 11.15
C GLN A 261 -21.53 18.91 11.16
N HIS A 262 -22.01 18.30 10.07
CA HIS A 262 -23.39 17.82 10.04
C HIS A 262 -23.67 16.82 11.16
N LEU A 263 -22.80 15.83 11.33
CA LEU A 263 -23.01 14.84 12.37
C LEU A 263 -22.97 15.47 13.76
N ALA A 264 -22.17 16.51 13.95
CA ALA A 264 -22.08 17.17 15.24
C ALA A 264 -23.38 17.88 15.59
N HIS A 265 -24.12 18.30 14.57
CA HIS A 265 -25.33 19.09 14.68
C HIS A 265 -26.60 18.25 14.61
N HIS A 266 -26.52 17.02 14.10
CA HIS A 266 -27.68 16.16 13.84
C HIS A 266 -27.51 14.84 14.60
N PRO A 267 -27.98 14.76 15.85
CA PRO A 267 -27.70 13.55 16.65
C PRO A 267 -28.23 12.27 16.03
N GLY A 268 -29.38 12.31 15.35
CA GLY A 268 -29.90 11.11 14.73
C GLY A 268 -28.93 10.52 13.71
N ASP A 269 -28.36 11.38 12.86
CA ASP A 269 -27.42 10.89 11.86
C ASP A 269 -26.11 10.46 12.49
N ARG A 270 -25.66 11.16 13.54
CA ARG A 270 -24.47 10.75 14.24
C ARG A 270 -24.66 9.36 14.86
N HIS A 271 -25.81 9.13 15.49
CA HIS A 271 -26.07 7.83 16.10
C HIS A 271 -26.14 6.71 15.06
N ARG A 272 -26.73 7.00 13.89
CA ARG A 272 -26.74 6.01 12.81
C ARG A 272 -25.32 5.66 12.38
N PHE A 273 -24.51 6.68 12.12
CA PHE A 273 -23.13 6.45 11.71
C PHE A 273 -22.38 5.68 12.78
N LEU A 274 -22.65 5.99 14.04
CA LEU A 274 -21.95 5.37 15.15
C LEU A 274 -22.32 3.89 15.28
N ARG A 275 -23.62 3.56 15.20
CA ARG A 275 -24.09 2.22 15.51
C ARG A 275 -24.18 1.29 14.30
N ASP A 276 -24.07 1.79 13.07
CA ASP A 276 -24.31 1.00 11.86
C ASP A 276 -23.10 1.08 10.94
N PRO A 277 -22.01 0.38 11.27
CA PRO A 277 -20.80 0.45 10.43
C PRO A 277 -21.05 0.16 8.95
N GLU A 278 -21.95 -0.77 8.63
CA GLU A 278 -22.14 -1.15 7.24
C GLU A 278 -22.73 -0.02 6.39
N VAL A 279 -23.38 0.99 6.99
CA VAL A 279 -23.90 2.10 6.18
C VAL A 279 -22.84 3.16 5.88
N ARG A 280 -21.68 3.10 6.53
CA ARG A 280 -20.74 4.20 6.44
C ARG A 280 -20.26 4.49 5.02
N PRO A 281 -19.98 3.50 4.18
CA PRO A 281 -19.62 3.84 2.78
C PRO A 281 -20.71 4.59 2.05
N ALA A 282 -21.97 4.17 2.19
CA ALA A 282 -23.07 4.89 1.56
C ALA A 282 -23.23 6.28 2.16
N ALA A 283 -22.97 6.45 3.46
CA ALA A 283 -23.03 7.77 4.07
C ALA A 283 -21.97 8.70 3.49
N VAL A 284 -20.77 8.17 3.25
CA VAL A 284 -19.72 8.97 2.64
C VAL A 284 -20.14 9.44 1.25
N GLU A 285 -20.76 8.55 0.47
CA GLU A 285 -21.23 8.93 -0.87
C GLU A 285 -22.34 9.98 -0.79
N GLU A 286 -23.22 9.88 0.21
CA GLU A 286 -24.29 10.87 0.32
C GLU A 286 -23.73 12.23 0.74
N PHE A 287 -22.73 12.24 1.62
CA PHE A 287 -22.07 13.51 1.96
C PHE A 287 -21.29 14.08 0.78
N LEU A 288 -20.65 13.22 -0.01
CA LEU A 288 -19.97 13.70 -1.20
C LEU A 288 -20.95 14.39 -2.14
N ARG A 289 -22.14 13.82 -2.32
CA ARG A 289 -23.16 14.48 -3.13
C ARG A 289 -23.54 15.83 -2.53
N VAL A 290 -23.91 15.82 -1.25
CA VAL A 290 -24.50 16.98 -0.59
C VAL A 290 -23.53 18.15 -0.52
N ASN A 291 -22.25 17.86 -0.30
CA ASN A 291 -21.28 18.91 -0.03
C ASN A 291 -20.43 19.27 -1.24
N SER A 292 -20.85 18.83 -2.43
CA SER A 292 -20.15 19.20 -3.66
C SER A 292 -20.24 20.71 -3.90
N CYS A 293 -19.13 21.29 -4.34
CA CYS A 293 -19.10 22.74 -4.54
C CYS A 293 -18.18 23.18 -5.69
N MET A 294 -17.45 22.26 -6.30
CA MET A 294 -16.60 22.64 -7.42
C MET A 294 -17.46 23.03 -8.62
N TYR A 295 -16.92 23.92 -9.45
CA TYR A 295 -17.57 24.34 -10.69
C TYR A 295 -16.56 24.32 -11.83
N PRO A 296 -16.14 23.13 -12.25
CA PRO A 296 -15.21 23.02 -13.37
C PRO A 296 -15.70 23.80 -14.59
N GLY A 297 -14.77 24.48 -15.24
CA GLY A 297 -15.09 25.23 -16.44
C GLY A 297 -14.66 24.52 -17.69
N ARG A 298 -15.34 24.86 -18.79
CA ARG A 298 -15.02 24.38 -20.12
C ARG A 298 -15.19 25.52 -21.11
N LEU A 299 -14.48 25.40 -22.24
CA LEU A 299 -14.56 26.36 -23.34
C LEU A 299 -15.40 25.76 -24.44
N ALA A 300 -16.46 26.47 -24.84
CA ALA A 300 -17.31 26.02 -25.93
C ALA A 300 -16.57 26.22 -27.25
N THR A 301 -16.42 25.14 -28.03
CA THR A 301 -15.63 25.21 -29.25
C THR A 301 -16.45 25.52 -30.50
N ARG A 302 -17.77 25.57 -30.38
CA ARG A 302 -18.63 25.81 -31.53
C ARG A 302 -19.91 26.50 -31.06
N GLU A 303 -20.58 27.15 -32.02
CA GLU A 303 -21.90 27.70 -31.77
C GLU A 303 -22.88 26.61 -31.37
N GLY A 304 -23.75 26.93 -30.43
CA GLY A 304 -24.79 26.02 -30.01
C GLY A 304 -24.34 24.93 -29.06
N ALA A 305 -23.15 25.07 -28.48
CA ALA A 305 -22.69 24.09 -27.51
C ALA A 305 -23.69 23.99 -26.35
N GLY A 306 -24.12 22.77 -26.05
CA GLY A 306 -25.10 22.57 -24.99
C GLY A 306 -26.43 23.22 -25.30
N GLY A 307 -26.62 23.64 -26.55
CA GLY A 307 -27.83 24.32 -26.97
C GLY A 307 -27.93 25.77 -26.56
N VAL A 308 -26.95 26.33 -25.84
CA VAL A 308 -27.06 27.70 -25.37
C VAL A 308 -25.82 28.55 -25.65
N ALA A 309 -24.64 27.93 -25.66
CA ALA A 309 -23.42 28.71 -25.65
C ALA A 309 -22.94 29.05 -27.06
N SER A 310 -22.20 30.16 -27.17
CA SER A 310 -21.56 30.57 -28.40
C SER A 310 -20.11 30.10 -28.40
N GLN A 311 -19.54 30.04 -29.60
CA GLN A 311 -18.14 29.66 -29.76
C GLN A 311 -17.24 30.63 -29.00
N GLY A 312 -16.39 30.07 -28.13
CA GLY A 312 -15.51 30.87 -27.31
C GLY A 312 -16.05 31.18 -25.92
N ASP A 313 -17.30 30.84 -25.64
CA ASP A 313 -17.88 31.10 -24.32
C ASP A 313 -17.27 30.19 -23.26
N THR A 314 -17.14 30.74 -22.06
CA THR A 314 -16.86 29.94 -20.88
C THR A 314 -18.16 29.32 -20.37
N VAL A 315 -18.12 28.03 -20.04
CA VAL A 315 -19.27 27.30 -19.52
C VAL A 315 -18.87 26.63 -18.23
N LEU A 316 -19.61 26.92 -17.16
CA LEU A 316 -19.37 26.29 -15.88
C LEU A 316 -20.32 25.11 -15.68
N LEU A 317 -19.78 24.09 -14.99
CA LEU A 317 -20.46 22.82 -14.74
C LEU A 317 -20.52 22.59 -13.23
N PRO A 318 -21.40 23.31 -12.53
CA PRO A 318 -21.37 23.28 -11.06
C PRO A 318 -21.90 21.96 -10.51
N LEU A 319 -21.06 21.27 -9.73
CA LEU A 319 -21.49 20.02 -9.11
C LEU A 319 -22.60 20.25 -8.10
N ALA A 320 -22.66 21.45 -7.51
CA ALA A 320 -23.73 21.82 -6.58
C ALA A 320 -25.10 21.84 -7.26
N LEU A 321 -25.15 22.02 -8.58
CA LEU A 321 -26.41 21.91 -9.32
C LEU A 321 -26.66 20.50 -9.80
N ALA A 322 -25.66 19.88 -10.43
CA ALA A 322 -25.84 18.51 -10.93
C ALA A 322 -26.31 17.58 -9.82
N ASN A 323 -25.66 17.64 -8.66
CA ASN A 323 -25.91 16.70 -7.58
C ASN A 323 -27.15 17.06 -6.75
N TYR A 324 -27.85 18.12 -7.10
CA TYR A 324 -29.11 18.49 -6.46
C TYR A 324 -30.29 18.47 -7.43
N ASP A 325 -30.09 17.94 -8.64
CA ASP A 325 -31.15 17.92 -9.65
C ASP A 325 -32.29 17.03 -9.17
N PRO A 326 -33.48 17.57 -8.93
CA PRO A 326 -34.53 16.74 -8.33
C PRO A 326 -35.09 15.69 -9.27
N ALA A 327 -34.83 15.79 -10.57
CA ALA A 327 -35.21 14.73 -11.49
C ALA A 327 -34.37 13.48 -11.27
N VAL A 328 -33.21 13.61 -10.65
CA VAL A 328 -32.32 12.49 -10.39
C VAL A 328 -32.24 12.16 -8.90
N PHE A 329 -32.25 13.19 -8.05
CA PHE A 329 -32.09 13.03 -6.61
C PHE A 329 -33.33 13.60 -5.93
N PRO A 330 -34.41 12.82 -5.80
CA PRO A 330 -35.61 13.36 -5.15
C PRO A 330 -35.32 13.82 -3.72
N GLU A 331 -36.02 14.88 -3.32
CA GLU A 331 -35.71 15.59 -2.08
C GLU A 331 -34.21 15.84 -1.97
N PRO A 332 -33.64 16.62 -2.90
CA PRO A 332 -32.16 16.72 -2.99
C PRO A 332 -31.51 17.36 -1.77
N GLU A 333 -32.21 18.22 -1.04
CA GLU A 333 -31.56 18.86 0.10
C GLU A 333 -31.49 17.94 1.31
N ARG A 334 -32.18 16.81 1.28
CA ARG A 334 -32.17 15.88 2.39
C ARG A 334 -30.89 15.05 2.39
N VAL A 335 -30.20 15.00 3.52
CA VAL A 335 -29.11 14.06 3.72
C VAL A 335 -29.74 12.72 4.11
N ASP A 336 -29.65 11.73 3.21
CA ASP A 336 -30.30 10.43 3.41
C ASP A 336 -29.27 9.34 3.15
N PHE A 337 -28.71 8.76 4.22
CA PHE A 337 -27.74 7.69 4.05
C PHE A 337 -28.32 6.50 3.31
N ASP A 338 -29.64 6.33 3.34
CA ASP A 338 -30.31 5.22 2.67
C ASP A 338 -30.82 5.61 1.30
N ARG A 339 -30.40 6.76 0.77
CA ARG A 339 -30.84 7.20 -0.54
C ARG A 339 -30.66 6.07 -1.55
N GLU A 340 -31.76 5.71 -2.21
CA GLU A 340 -31.76 4.51 -3.04
C GLU A 340 -30.97 4.70 -4.32
N GLN A 341 -31.08 5.88 -4.94
CA GLN A 341 -30.36 6.17 -6.19
C GLN A 341 -29.44 7.35 -5.95
N ASN A 342 -28.13 7.10 -5.98
CA ASN A 342 -27.14 8.16 -5.74
C ASN A 342 -26.04 8.13 -6.79
N PRO A 343 -26.38 8.36 -8.06
CA PRO A 343 -25.39 8.49 -9.13
C PRO A 343 -24.73 9.86 -9.17
N HIS A 344 -24.24 10.32 -8.03
CA HIS A 344 -23.64 11.64 -7.95
C HIS A 344 -22.37 11.73 -8.77
N ILE A 345 -22.00 12.96 -9.13
CA ILE A 345 -20.75 13.20 -9.85
C ILE A 345 -19.88 14.13 -9.03
N ALA A 346 -19.73 13.83 -7.73
CA ALA A 346 -18.85 14.64 -6.88
C ALA A 346 -17.41 14.65 -7.38
N PHE A 347 -17.02 13.64 -8.15
CA PHE A 347 -15.68 13.53 -8.71
C PHE A 347 -15.65 13.82 -10.20
N GLY A 348 -16.71 14.42 -10.74
CA GLY A 348 -16.79 14.67 -12.17
C GLY A 348 -17.18 13.42 -12.95
N THR A 349 -17.08 13.54 -14.26
CA THR A 349 -17.33 12.42 -15.14
C THR A 349 -16.64 12.75 -16.46
N GLY A 350 -16.65 11.82 -17.40
CA GLY A 350 -15.85 11.97 -18.60
C GLY A 350 -14.37 11.71 -18.32
N HIS A 351 -13.54 12.12 -19.28
CA HIS A 351 -12.13 11.72 -19.25
C HIS A 351 -11.37 12.30 -18.06
N HIS A 352 -11.73 13.48 -17.60
CA HIS A 352 -10.98 14.15 -16.55
C HIS A 352 -11.49 13.83 -15.16
N GLN A 353 -12.38 12.84 -15.04
CA GLN A 353 -12.89 12.41 -13.75
C GLN A 353 -11.74 12.18 -12.77
N CYS A 354 -11.95 12.61 -11.53
CA CYS A 354 -10.88 12.69 -10.54
C CYS A 354 -9.98 11.47 -10.49
N LEU A 355 -8.68 11.71 -10.64
CA LEU A 355 -7.66 10.68 -10.49
C LEU A 355 -7.63 10.12 -9.06
N GLY A 356 -7.94 10.95 -8.08
CA GLY A 356 -7.79 10.55 -6.69
C GLY A 356 -9.05 10.11 -5.98
N ALA A 357 -10.10 9.73 -6.73
CA ALA A 357 -11.40 9.53 -6.10
C ALA A 357 -11.39 8.37 -5.12
N ALA A 358 -10.79 7.23 -5.50
CA ALA A 358 -10.71 6.10 -4.58
C ALA A 358 -9.91 6.45 -3.34
N TYR A 359 -8.79 7.18 -3.52
CA TYR A 359 -7.97 7.59 -2.39
C TYR A 359 -8.72 8.56 -1.47
N ALA A 360 -9.41 9.54 -2.06
CA ALA A 360 -10.18 10.47 -1.25
C ALA A 360 -11.27 9.75 -0.46
N ARG A 361 -11.97 8.83 -1.11
CA ARG A 361 -13.00 8.05 -0.41
C ARG A 361 -12.41 7.30 0.77
N ALA A 362 -11.24 6.68 0.58
CA ALA A 362 -10.60 5.94 1.66
C ALA A 362 -10.21 6.85 2.82
N GLN A 363 -9.72 8.06 2.51
CA GLN A 363 -9.32 8.98 3.56
C GLN A 363 -10.50 9.46 4.39
N ILE A 364 -11.61 9.80 3.72
CA ILE A 364 -12.77 10.32 4.40
C ILE A 364 -13.38 9.24 5.29
N LEU A 365 -13.62 8.06 4.72
CA LEU A 365 -14.24 6.99 5.47
C LEU A 365 -13.39 6.58 6.67
N THR A 366 -12.10 6.39 6.42
CA THR A 366 -11.21 5.94 7.48
C THR A 366 -11.12 6.96 8.61
N ALA A 367 -11.01 8.25 8.27
CA ALA A 367 -10.94 9.29 9.29
C ALA A 367 -12.20 9.28 10.16
N TRP A 368 -13.38 9.18 9.53
CA TRP A 368 -14.62 9.20 10.29
C TRP A 368 -14.78 7.93 11.11
N GLU A 369 -14.31 6.79 10.60
CA GLU A 369 -14.30 5.55 11.38
C GLU A 369 -13.47 5.72 12.65
N GLU A 370 -12.22 6.17 12.50
CA GLU A 370 -11.36 6.29 13.67
C GLU A 370 -11.84 7.41 14.58
N TRP A 371 -12.44 8.47 14.03
CA TRP A 371 -13.00 9.53 14.86
C TRP A 371 -14.04 8.95 15.82
N HIS A 372 -14.98 8.15 15.30
CA HIS A 372 -16.05 7.65 16.15
C HIS A 372 -15.62 6.53 17.09
N GLU A 373 -14.48 5.89 16.84
CA GLU A 373 -13.94 4.95 17.82
CA GLU A 373 -13.95 4.95 17.82
C GLU A 373 -13.45 5.67 19.06
N LEU A 374 -12.86 6.85 18.89
CA LEU A 374 -12.26 7.57 20.01
C LEU A 374 -13.12 8.70 20.54
N ILE A 375 -13.96 9.28 19.69
CA ILE A 375 -14.81 10.41 20.04
C ILE A 375 -16.22 10.09 19.53
N PRO A 376 -16.94 9.18 20.19
CA PRO A 376 -18.25 8.78 19.66
C PRO A 376 -19.31 9.85 19.75
N ASP A 377 -19.18 10.76 20.71
CA ASP A 377 -20.18 11.79 20.99
C ASP A 377 -19.46 13.13 21.03
N TYR A 378 -20.00 14.11 20.32
CA TYR A 378 -19.36 15.40 20.16
C TYR A 378 -20.41 16.38 19.68
N ARG A 379 -20.07 17.67 19.72
CA ARG A 379 -21.04 18.71 19.39
C ARG A 379 -20.30 19.95 18.93
N LEU A 380 -21.08 20.93 18.44
CA LEU A 380 -20.53 22.24 18.14
C LEU A 380 -20.64 23.13 19.37
N PRO A 381 -19.68 24.03 19.59
CA PRO A 381 -19.63 24.73 20.88
C PRO A 381 -20.71 25.78 21.06
N ASP A 382 -21.11 26.46 19.99
CA ASP A 382 -22.17 27.45 20.04
C ASP A 382 -23.35 26.94 19.23
N PRO A 383 -24.31 26.24 19.84
CA PRO A 383 -25.44 25.71 19.09
C PRO A 383 -26.54 26.72 18.80
N THR A 384 -26.35 28.00 19.13
CA THR A 384 -27.28 29.04 18.70
C THR A 384 -27.00 29.55 17.29
N VAL A 385 -25.88 29.13 16.68
CA VAL A 385 -25.55 29.52 15.32
C VAL A 385 -25.97 28.39 14.39
N GLU A 386 -26.56 28.76 13.26
CA GLU A 386 -26.87 27.79 12.22
C GLU A 386 -25.59 27.44 11.48
N PRO A 387 -25.14 26.18 11.46
CA PRO A 387 -23.79 25.89 10.94
C PRO A 387 -23.71 26.20 9.46
N PRO A 388 -22.72 26.99 9.05
CA PRO A 388 -22.61 27.37 7.63
C PRO A 388 -21.92 26.29 6.80
N PHE A 389 -22.13 26.37 5.50
CA PHE A 389 -21.34 25.55 4.60
C PHE A 389 -19.88 25.98 4.69
N LEU A 390 -19.00 25.01 4.90
CA LEU A 390 -17.59 25.29 5.13
C LEU A 390 -16.83 25.31 3.81
N ARG A 391 -16.14 26.42 3.58
CA ARG A 391 -15.37 26.64 2.36
C ARG A 391 -14.40 27.78 2.63
N ASN A 392 -13.38 27.87 1.79
CA ASN A 392 -12.41 28.97 1.86
C ASN A 392 -11.81 28.99 3.26
N VAL A 393 -11.76 30.14 3.95
CA VAL A 393 -11.24 30.24 5.30
C VAL A 393 -12.37 30.02 6.28
N TYR A 394 -12.24 29.01 7.13
CA TYR A 394 -13.19 28.76 8.19
C TYR A 394 -12.43 28.13 9.34
N ASP A 395 -13.10 28.04 10.50
CA ASP A 395 -12.53 27.39 11.69
C ASP A 395 -13.63 26.52 12.30
N LEU A 396 -13.56 25.21 12.07
CA LEU A 396 -14.57 24.28 12.58
C LEU A 396 -14.12 23.78 13.95
N ARG A 397 -14.75 24.30 15.00
CA ARG A 397 -14.47 23.86 16.35
C ARG A 397 -15.44 22.74 16.71
N ILE A 398 -14.90 21.63 17.19
CA ILE A 398 -15.69 20.51 17.70
C ILE A 398 -15.29 20.29 19.15
N VAL A 399 -16.27 20.05 20.02
CA VAL A 399 -16.03 19.84 21.44
C VAL A 399 -16.68 18.53 21.87
N TRP A 400 -16.13 17.94 22.93
CA TRP A 400 -16.67 16.70 23.49
C TRP A 400 -16.31 16.55 24.95
N GLY B 1 40.73 -61.01 -12.92
CA GLY B 1 39.78 -60.18 -12.14
C GLY B 1 39.88 -58.74 -12.60
N GLY B 2 39.14 -57.85 -11.94
CA GLY B 2 39.16 -56.46 -12.32
C GLY B 2 40.50 -55.81 -11.97
N MET B 3 40.94 -54.90 -12.83
CA MET B 3 42.15 -54.13 -12.59
C MET B 3 41.94 -52.71 -13.09
N GLN B 4 42.63 -51.77 -12.47
CA GLN B 4 42.53 -50.35 -12.81
C GLN B 4 41.07 -49.96 -13.02
N ALA B 5 40.25 -50.28 -12.01
CA ALA B 5 38.80 -50.06 -12.09
C ALA B 5 38.45 -48.64 -11.67
N ASP B 6 39.09 -47.68 -12.34
CA ASP B 6 38.58 -46.32 -12.40
C ASP B 6 38.87 -45.68 -13.76
N LYS B 7 39.49 -46.40 -14.69
CA LYS B 7 39.66 -45.97 -16.07
C LYS B 7 38.62 -46.67 -16.93
N CYS B 8 38.08 -45.95 -17.90
CA CYS B 8 37.04 -46.51 -18.74
C CYS B 8 37.60 -47.72 -19.50
N PRO B 9 36.89 -48.85 -19.54
CA PRO B 9 37.34 -49.94 -20.40
C PRO B 9 37.46 -49.49 -21.84
N VAL B 10 38.41 -50.09 -22.57
CA VAL B 10 38.64 -49.85 -23.99
C VAL B 10 39.41 -48.56 -24.21
N THR B 11 38.87 -47.43 -23.79
CA THR B 11 39.52 -46.14 -24.04
C THR B 11 40.49 -45.74 -22.93
N GLY B 12 40.26 -46.17 -21.70
CA GLY B 12 41.14 -45.85 -20.59
C GLY B 12 40.92 -44.48 -19.97
N ALA B 13 39.82 -43.81 -20.32
CA ALA B 13 39.55 -42.49 -19.76
C ALA B 13 39.36 -42.57 -18.26
N THR B 14 40.05 -41.71 -17.52
CA THR B 14 39.95 -41.71 -16.07
C THR B 14 38.56 -41.24 -15.64
N ALA B 15 38.03 -41.89 -14.59
CA ALA B 15 36.73 -41.52 -14.08
C ALA B 15 36.79 -40.11 -13.49
N THR B 16 35.85 -39.26 -13.92
CA THR B 16 35.69 -37.93 -13.35
C THR B 16 34.60 -37.89 -12.28
N THR B 17 34.27 -39.04 -11.71
CA THR B 17 33.29 -39.10 -10.63
C THR B 17 33.63 -38.08 -9.55
N ALA B 18 32.60 -37.58 -8.89
CA ALA B 18 32.80 -36.66 -7.78
C ALA B 18 33.52 -37.36 -6.63
N ARG B 19 34.58 -36.73 -6.14
CA ARG B 19 35.44 -37.32 -5.13
C ARG B 19 35.00 -36.98 -3.71
N GLY B 20 33.78 -36.47 -3.53
CA GLY B 20 33.29 -36.14 -2.20
C GLY B 20 33.05 -37.37 -1.36
N ASP B 21 33.04 -37.17 -0.05
CA ASP B 21 32.82 -38.27 0.86
C ASP B 21 31.33 -38.54 1.03
N SER B 22 31.01 -39.74 1.54
CA SER B 22 29.65 -40.15 1.84
C SER B 22 29.53 -40.42 3.33
N VAL B 23 28.73 -39.61 4.01
CA VAL B 23 28.74 -39.53 5.47
C VAL B 23 27.32 -39.68 5.99
N GLU B 24 27.22 -40.14 7.25
CA GLU B 24 25.93 -40.27 7.92
C GLU B 24 25.52 -38.91 8.50
N PHE B 25 25.12 -38.03 7.60
CA PHE B 25 24.84 -36.64 7.94
C PHE B 25 23.35 -36.41 8.14
N ASP B 26 23.00 -35.82 9.28
CA ASP B 26 21.62 -35.47 9.60
C ASP B 26 21.27 -34.12 9.00
N PHE B 27 20.26 -34.09 8.12
CA PHE B 27 19.83 -32.84 7.51
C PHE B 27 19.28 -31.84 8.52
N PHE B 28 18.80 -32.31 9.68
CA PHE B 28 18.17 -31.44 10.66
C PHE B 28 19.25 -30.90 11.62
N ALA B 29 20.20 -30.19 11.03
CA ALA B 29 21.38 -29.71 11.71
C ALA B 29 21.50 -28.21 11.53
N ALA B 30 22.23 -27.58 12.45
CA ALA B 30 22.42 -26.15 12.43
C ALA B 30 23.34 -25.74 11.27
N PRO B 31 23.29 -24.46 10.88
CA PRO B 31 24.18 -23.98 9.81
C PRO B 31 25.65 -24.27 10.07
N GLN B 32 26.11 -24.10 11.30
CA GLN B 32 27.51 -24.36 11.63
C GLN B 32 27.88 -25.80 11.34
N ALA B 33 26.96 -26.73 11.56
CA ALA B 33 27.23 -28.14 11.27
C ALA B 33 27.29 -28.39 9.77
N TYR B 34 26.37 -27.79 9.00
CA TYR B 34 26.46 -27.89 7.56
C TYR B 34 27.82 -27.42 7.05
N ARG B 35 28.31 -26.29 7.57
CA ARG B 35 29.56 -25.72 7.07
C ARG B 35 30.76 -26.59 7.47
N ARG B 36 30.75 -27.12 8.69
CA ARG B 36 31.83 -27.99 9.15
C ARG B 36 31.90 -29.27 8.33
N VAL B 37 30.74 -29.90 8.09
CA VAL B 37 30.71 -31.15 7.33
C VAL B 37 31.12 -30.91 5.88
N ALA B 38 30.62 -29.84 5.27
CA ALA B 38 31.03 -29.51 3.91
C ALA B 38 32.52 -29.24 3.81
N ALA B 39 33.09 -28.50 4.78
CA ALA B 39 34.52 -28.22 4.74
C ALA B 39 35.32 -29.51 4.77
N GLU B 40 34.84 -30.51 5.51
CA GLU B 40 35.58 -31.76 5.65
C GLU B 40 35.35 -32.73 4.50
N HIS B 41 34.16 -32.73 3.91
CA HIS B 41 33.73 -33.83 3.04
C HIS B 41 33.35 -33.41 1.63
N ALA B 42 33.05 -32.15 1.37
CA ALA B 42 32.62 -31.77 0.04
C ALA B 42 33.80 -31.78 -0.93
N ARG B 43 33.54 -32.30 -2.13
CA ARG B 43 34.46 -32.20 -3.25
C ARG B 43 33.62 -31.98 -4.50
N ASP B 44 34.18 -31.27 -5.46
CA ASP B 44 33.49 -31.00 -6.72
C ASP B 44 32.09 -30.43 -6.46
N GLY B 45 31.97 -29.66 -5.38
CA GLY B 45 30.77 -28.89 -5.11
C GLY B 45 29.68 -29.59 -4.35
N ALA B 46 29.94 -30.77 -3.77
CA ALA B 46 28.88 -31.49 -3.09
C ALA B 46 29.48 -32.51 -2.13
N PHE B 47 28.67 -32.90 -1.14
CA PHE B 47 28.93 -34.11 -0.38
C PHE B 47 27.62 -34.90 -0.32
N HIS B 48 27.76 -36.19 -0.06
CA HIS B 48 26.62 -37.11 -0.05
C HIS B 48 26.36 -37.63 1.35
N SER B 49 25.09 -37.68 1.73
CA SER B 49 24.68 -38.27 3.00
C SER B 49 24.05 -39.62 2.76
N SER B 50 24.56 -40.62 3.45
CA SER B 50 23.98 -41.97 3.41
C SER B 50 22.88 -42.16 4.42
N ARG B 51 22.57 -41.14 5.22
CA ARG B 51 21.64 -41.31 6.33
C ARG B 51 20.19 -41.36 5.83
N GLY B 52 19.42 -42.30 6.38
CA GLY B 52 18.04 -42.45 5.98
C GLY B 52 17.95 -42.87 4.54
N ASP B 53 17.06 -42.22 3.79
CA ASP B 53 16.91 -42.50 2.36
C ASP B 53 18.08 -41.97 1.53
N SER B 54 18.93 -41.15 2.13
CA SER B 54 20.13 -40.60 1.50
C SER B 54 19.80 -39.37 0.67
N PHE B 55 20.78 -38.50 0.48
CA PHE B 55 20.58 -37.26 -0.25
C PHE B 55 21.94 -36.62 -0.54
N TRP B 56 21.99 -35.83 -1.59
CA TRP B 56 23.14 -34.99 -1.89
C TRP B 56 22.95 -33.63 -1.25
N VAL B 57 24.07 -32.98 -0.93
CA VAL B 57 24.08 -31.63 -0.41
C VAL B 57 25.03 -30.82 -1.28
N LEU B 58 24.50 -29.85 -2.02
CA LEU B 58 25.38 -28.99 -2.80
C LEU B 58 26.00 -27.94 -1.88
N SER B 59 27.24 -27.56 -2.19
CA SER B 59 28.04 -26.82 -1.22
C SER B 59 28.66 -25.53 -1.75
N THR B 60 28.36 -25.11 -2.98
CA THR B 60 28.86 -23.85 -3.51
C THR B 60 27.73 -22.94 -3.92
N TYR B 61 28.00 -21.63 -3.86
CA TYR B 61 27.03 -20.63 -4.30
C TYR B 61 26.68 -20.83 -5.77
N GLU B 62 27.68 -21.09 -6.62
CA GLU B 62 27.43 -21.24 -8.05
C GLU B 62 26.55 -22.44 -8.33
N GLY B 63 26.85 -23.56 -7.68
CA GLY B 63 26.09 -24.79 -7.93
C GLY B 63 24.69 -24.72 -7.37
N ILE B 64 24.55 -24.11 -6.19
CA ILE B 64 23.23 -23.98 -5.56
C ILE B 64 22.35 -23.04 -6.36
N CYS B 65 22.90 -21.89 -6.80
CA CYS B 65 22.13 -20.99 -7.65
C CYS B 65 21.72 -21.69 -8.95
N ALA B 66 22.65 -22.41 -9.57
CA ALA B 66 22.33 -23.08 -10.83
C ALA B 66 21.20 -24.09 -10.66
N ALA B 67 21.17 -24.80 -9.52
CA ALA B 67 20.13 -25.79 -9.28
C ALA B 67 18.79 -25.11 -9.05
N PHE B 68 18.78 -24.03 -8.27
CA PHE B 68 17.56 -23.24 -8.07
C PHE B 68 17.00 -22.77 -9.41
N ARG B 69 17.88 -22.46 -10.36
CA ARG B 69 17.47 -21.82 -11.61
C ARG B 69 17.21 -22.82 -12.74
N ASP B 70 17.30 -24.12 -12.47
CA ASP B 70 17.09 -25.15 -13.49
C ASP B 70 16.05 -26.13 -12.94
N GLU B 71 14.78 -25.72 -13.02
CA GLU B 71 13.70 -26.53 -12.46
C GLU B 71 13.48 -27.82 -13.21
N ASP B 72 13.86 -27.87 -14.49
CA ASP B 72 13.69 -29.09 -15.27
C ASP B 72 14.57 -30.21 -14.72
N THR B 73 15.78 -29.88 -14.29
CA THR B 73 16.72 -30.86 -13.74
C THR B 73 16.51 -31.07 -12.25
N PHE B 74 16.14 -30.03 -11.53
CA PHE B 74 15.96 -30.07 -10.08
C PHE B 74 14.50 -29.72 -9.79
N SER B 75 13.67 -30.75 -9.69
CA SER B 75 12.23 -30.59 -9.60
C SER B 75 11.77 -30.35 -8.17
N VAL B 76 10.67 -29.58 -8.02
CA VAL B 76 10.04 -29.43 -6.71
C VAL B 76 8.98 -30.49 -6.45
N SER B 77 8.80 -31.44 -7.37
CA SER B 77 7.92 -32.60 -7.23
C SER B 77 6.48 -32.22 -7.56
N ARG B 89 1.34 -32.13 -1.98
CA ARG B 89 0.91 -30.99 -2.78
C ARG B 89 0.78 -29.73 -1.93
N TRP B 90 1.54 -28.69 -2.29
CA TRP B 90 1.57 -27.45 -1.54
C TRP B 90 1.61 -26.29 -2.52
N ILE B 91 0.51 -25.56 -2.62
CA ILE B 91 0.43 -24.43 -3.55
C ILE B 91 1.14 -23.22 -2.96
N PRO B 92 2.14 -22.63 -3.64
CA PRO B 92 2.71 -22.93 -4.97
C PRO B 92 4.07 -23.65 -4.93
N LEU B 93 4.46 -24.09 -3.73
CA LEU B 93 5.80 -24.63 -3.50
C LEU B 93 6.11 -25.86 -4.37
N THR B 94 5.14 -26.73 -4.58
CA THR B 94 5.37 -27.98 -5.31
C THR B 94 4.81 -27.96 -6.73
N ILE B 95 4.43 -26.76 -7.24
CA ILE B 95 3.91 -26.60 -8.59
C ILE B 95 5.05 -26.13 -9.47
N GLN B 96 4.98 -26.47 -10.76
CA GLN B 96 6.06 -26.14 -11.69
C GLN B 96 5.51 -25.60 -12.99
N GLY B 97 6.41 -25.03 -13.79
CA GLY B 97 6.09 -24.67 -15.16
C GLY B 97 5.07 -23.56 -15.27
N ARG B 98 4.26 -23.66 -16.33
CA ARG B 98 3.28 -22.61 -16.63
C ARG B 98 2.28 -22.46 -15.50
N THR B 99 1.87 -23.58 -14.89
CA THR B 99 0.90 -23.53 -13.80
C THR B 99 1.44 -22.76 -12.61
N HIS B 100 2.72 -22.99 -12.28
CA HIS B 100 3.33 -22.24 -11.20
C HIS B 100 3.35 -20.74 -11.51
N ASN B 101 3.71 -20.39 -12.75
CA ASN B 101 3.75 -18.99 -13.13
C ASN B 101 2.37 -18.35 -13.01
N GLU B 102 1.33 -19.10 -13.34
CA GLU B 102 -0.03 -18.59 -13.20
C GLU B 102 -0.35 -18.27 -11.76
N TRP B 103 -0.02 -19.20 -10.85
CA TRP B 103 -0.24 -18.94 -9.42
C TRP B 103 0.50 -17.70 -8.97
N ARG B 104 1.76 -17.53 -9.39
CA ARG B 104 2.53 -16.36 -9.01
C ARG B 104 1.94 -15.09 -9.59
N ARG B 105 1.43 -15.15 -10.83
CA ARG B 105 0.73 -14.00 -11.39
C ARG B 105 -0.49 -13.61 -10.55
N ARG B 106 -1.29 -14.61 -10.14
CA ARG B 106 -2.48 -14.30 -9.35
C ARG B 106 -2.10 -13.67 -8.02
N LEU B 107 -1.06 -14.20 -7.39
CA LEU B 107 -0.66 -13.76 -6.06
C LEU B 107 0.05 -12.42 -6.06
N ALA B 108 0.62 -12.04 -7.21
CA ALA B 108 1.64 -10.99 -7.24
C ALA B 108 1.18 -9.72 -6.54
N ALA B 109 -0.07 -9.31 -6.78
CA ALA B 109 -0.54 -8.01 -6.28
C ALA B 109 -0.52 -7.92 -4.76
N TRP B 110 -0.69 -9.03 -4.04
CA TRP B 110 -0.70 -9.00 -2.58
C TRP B 110 0.69 -8.96 -1.97
N PHE B 111 1.75 -9.09 -2.78
CA PHE B 111 3.10 -9.22 -2.25
C PHE B 111 4.12 -8.43 -3.06
N THR B 112 3.71 -7.37 -3.75
CA THR B 112 4.65 -6.53 -4.46
C THR B 112 5.53 -5.75 -3.49
N PRO B 113 6.71 -5.30 -3.94
CA PRO B 113 7.46 -4.34 -3.13
C PRO B 113 6.67 -3.08 -2.83
N GLN B 114 5.84 -2.60 -3.77
CA GLN B 114 5.07 -1.39 -3.51
C GLN B 114 4.05 -1.61 -2.41
N ARG B 115 3.41 -2.78 -2.37
CA ARG B 115 2.48 -3.04 -1.29
C ARG B 115 3.19 -3.10 0.04
N ALA B 116 4.39 -3.69 0.08
CA ALA B 116 5.14 -3.70 1.34
C ALA B 116 5.46 -2.29 1.81
N ARG B 117 5.87 -1.42 0.88
CA ARG B 117 6.13 -0.03 1.23
C ARG B 117 4.87 0.69 1.68
N ASP B 118 3.76 0.46 0.97
CA ASP B 118 2.50 1.12 1.31
C ASP B 118 1.99 0.67 2.69
N LEU B 119 2.26 -0.56 3.08
CA LEU B 119 1.83 -1.06 4.37
C LEU B 119 2.81 -0.73 5.49
N THR B 120 3.99 -0.20 5.17
CA THR B 120 5.02 -0.05 6.19
C THR B 120 4.60 0.87 7.33
N PRO B 121 3.87 1.96 7.13
CA PRO B 121 3.43 2.76 8.30
C PRO B 121 2.52 2.00 9.25
N ALA B 122 1.73 1.04 8.74
CA ALA B 122 0.91 0.21 9.61
C ALA B 122 1.77 -0.82 10.34
N ILE B 123 2.74 -1.41 9.65
CA ILE B 123 3.72 -2.28 10.28
C ILE B 123 4.45 -1.53 11.38
N ARG B 124 4.86 -0.29 11.09
CA ARG B 124 5.57 0.51 12.08
C ARG B 124 4.71 0.79 13.31
N ALA B 125 3.41 1.09 13.10
CA ALA B 125 2.53 1.35 14.23
C ALA B 125 2.36 0.10 15.10
N ASN B 126 2.33 -1.07 14.45
CA ASN B 126 2.30 -2.35 15.15
C ASN B 126 3.55 -2.52 16.01
N ALA B 127 4.73 -2.37 15.41
CA ALA B 127 5.98 -2.51 16.17
C ALA B 127 6.02 -1.53 17.33
N ARG B 128 5.65 -0.27 17.08
CA ARG B 128 5.78 0.76 18.12
C ARG B 128 4.80 0.53 19.25
N ARG B 129 3.57 0.12 18.93
CA ARG B 129 2.59 -0.19 19.96
C ARG B 129 3.08 -1.32 20.86
N ARG B 130 3.60 -2.39 20.25
CA ARG B 130 4.01 -3.56 20.99
C ARG B 130 5.24 -3.28 21.85
N ILE B 131 6.23 -2.60 21.30
CA ILE B 131 7.44 -2.32 22.07
C ILE B 131 7.14 -1.33 23.19
N SER B 132 6.35 -0.29 22.89
CA SER B 132 5.97 0.66 23.93
C SER B 132 5.34 -0.04 25.13
N ALA B 133 4.67 -1.16 24.90
CA ALA B 133 3.93 -1.85 25.96
C ALA B 133 4.82 -2.62 26.91
N PHE B 134 6.10 -2.83 26.59
CA PHE B 134 7.00 -3.48 27.56
C PHE B 134 8.28 -2.71 27.81
N VAL B 135 8.42 -1.48 27.31
CA VAL B 135 9.65 -0.74 27.54
C VAL B 135 9.92 -0.57 29.02
N ASP B 136 8.86 -0.36 29.82
CA ASP B 136 9.02 -0.11 31.25
C ASP B 136 9.49 -1.34 32.02
N ARG B 137 9.41 -2.52 31.41
CA ARG B 137 9.76 -3.77 32.10
C ARG B 137 11.26 -3.98 32.21
N GLY B 138 12.05 -3.49 31.25
CA GLY B 138 13.47 -3.74 31.26
C GLY B 138 13.86 -5.13 30.82
N GLU B 139 12.93 -5.91 30.30
CA GLU B 139 13.20 -7.26 29.83
C GLU B 139 12.03 -7.73 28.99
N VAL B 140 12.32 -8.59 28.01
CA VAL B 140 11.29 -9.26 27.24
C VAL B 140 11.87 -10.57 26.72
N SER B 141 11.00 -11.55 26.52
CA SER B 141 11.32 -12.71 25.69
C SER B 141 11.05 -12.29 24.25
N PHE B 142 12.12 -12.01 23.51
CA PHE B 142 12.01 -11.22 22.29
C PHE B 142 11.08 -11.88 21.27
N SER B 143 11.23 -13.18 21.04
CA SER B 143 10.44 -13.79 19.98
C SER B 143 9.05 -14.19 20.49
N ASP B 144 8.98 -14.75 21.70
CA ASP B 144 7.69 -15.21 22.22
C ASP B 144 6.72 -14.05 22.43
N GLU B 145 7.20 -12.96 23.02
CA GLU B 145 6.32 -11.89 23.45
C GLU B 145 6.23 -10.73 22.46
N PHE B 146 7.24 -10.54 21.61
CA PHE B 146 7.21 -9.45 20.64
C PHE B 146 7.21 -9.94 19.19
N ALA B 147 8.28 -10.59 18.75
CA ALA B 147 8.48 -10.78 17.31
C ALA B 147 7.41 -11.66 16.69
N ARG B 148 7.06 -12.79 17.34
CA ARG B 148 6.12 -13.71 16.70
C ARG B 148 4.73 -13.11 16.57
N PRO B 149 4.12 -12.54 17.61
CA PRO B 149 2.80 -11.90 17.41
C PRO B 149 2.88 -10.72 16.44
N TYR B 150 3.96 -9.94 16.48
CA TYR B 150 4.17 -8.86 15.51
C TYR B 150 4.13 -9.39 14.07
N VAL B 151 4.94 -10.40 13.77
CA VAL B 151 5.02 -10.93 12.42
C VAL B 151 3.68 -11.55 12.00
N LEU B 152 3.06 -12.30 12.91
CA LEU B 152 1.78 -12.94 12.59
C LEU B 152 0.70 -11.90 12.33
N GLU B 153 0.66 -10.84 13.14
CA GLU B 153 -0.29 -9.76 12.88
C GLU B 153 -0.06 -9.14 11.51
N ASN B 154 1.21 -8.93 11.12
CA ASN B 154 1.50 -8.40 9.79
C ASN B 154 1.06 -9.36 8.69
N LEU B 155 1.30 -10.66 8.88
CA LEU B 155 0.85 -11.65 7.91
C LEU B 155 -0.67 -11.62 7.75
N MET B 156 -1.38 -11.62 8.88
CA MET B 156 -2.84 -11.61 8.87
C MET B 156 -3.37 -10.36 8.18
N LEU B 157 -2.72 -9.22 8.38
CA LEU B 157 -3.13 -8.01 7.69
C LEU B 157 -2.98 -8.16 6.18
N ALA B 158 -1.85 -8.71 5.73
CA ALA B 158 -1.60 -8.84 4.30
C ALA B 158 -2.54 -9.86 3.65
N VAL B 159 -2.82 -10.96 4.35
CA VAL B 159 -3.59 -12.07 3.76
C VAL B 159 -5.10 -11.93 3.98
N GLY B 160 -5.53 -11.11 4.93
CA GLY B 160 -6.95 -10.94 5.20
C GLY B 160 -7.53 -11.83 6.26
N TRP B 161 -6.73 -12.29 7.22
CA TRP B 161 -7.25 -13.05 8.36
C TRP B 161 -7.65 -12.08 9.47
N PRO B 162 -8.85 -12.20 10.05
CA PRO B 162 -9.30 -11.23 11.04
C PRO B 162 -8.40 -11.20 12.28
N LEU B 163 -8.00 -9.99 12.68
CA LEU B 163 -7.04 -9.86 13.78
C LEU B 163 -7.59 -10.40 15.10
N ALA B 164 -8.92 -10.50 15.26
CA ALA B 164 -9.48 -11.15 16.43
C ALA B 164 -9.02 -12.60 16.58
N ASP B 165 -8.52 -13.19 15.51
CA ASP B 165 -8.08 -14.58 15.53
C ASP B 165 -6.61 -14.74 15.87
N LEU B 166 -5.90 -13.66 16.20
CA LEU B 166 -4.45 -13.74 16.36
C LEU B 166 -4.05 -14.71 17.47
N ASP B 167 -4.70 -14.65 18.63
CA ASP B 167 -4.28 -15.51 19.73
C ASP B 167 -4.46 -16.98 19.36
N HIS B 168 -5.51 -17.30 18.60
CA HIS B 168 -5.75 -18.67 18.13
C HIS B 168 -4.65 -19.13 17.20
N LEU B 169 -4.36 -18.35 16.16
CA LEU B 169 -3.31 -18.71 15.22
C LEU B 169 -1.94 -18.73 15.88
N LEU B 170 -1.71 -17.85 16.85
CA LEU B 170 -0.42 -17.85 17.54
C LEU B 170 -0.23 -19.14 18.32
N ALA B 171 -1.28 -19.62 18.99
CA ALA B 171 -1.17 -20.87 19.74
C ALA B 171 -0.90 -22.06 18.81
N ILE B 172 -1.52 -22.06 17.63
CA ILE B 172 -1.23 -23.10 16.65
C ILE B 172 0.23 -23.03 16.21
N ASN B 173 0.72 -21.83 15.94
CA ASN B 173 2.09 -21.66 15.50
C ASN B 173 3.06 -22.17 16.56
N VAL B 174 2.82 -21.80 17.82
CA VAL B 174 3.73 -22.18 18.89
C VAL B 174 3.71 -23.70 19.11
N ALA B 175 2.54 -24.32 18.98
CA ALA B 175 2.45 -25.77 19.13
C ALA B 175 3.28 -26.47 18.06
N MET B 176 3.27 -25.94 16.84
CA MET B 176 4.11 -26.53 15.79
C MET B 176 5.59 -26.37 16.11
N ILE B 177 5.99 -25.17 16.54
CA ILE B 177 7.40 -24.94 16.85
C ILE B 177 7.87 -25.91 17.93
N ARG B 178 7.03 -26.15 18.94
CA ARG B 178 7.40 -26.98 20.08
C ARG B 178 7.04 -28.46 19.87
N SER B 179 6.86 -28.89 18.62
CA SER B 179 6.38 -30.24 18.34
C SER B 179 7.32 -31.33 18.87
N ARG B 180 8.61 -31.06 18.95
CA ARG B 180 9.56 -32.07 19.40
C ARG B 180 9.82 -32.04 20.90
N GLU B 181 9.26 -31.06 21.60
CA GLU B 181 9.46 -30.95 23.05
C GLU B 181 8.66 -32.02 23.77
N ALA B 182 9.00 -32.24 25.04
CA ALA B 182 8.22 -33.14 25.85
C ALA B 182 6.76 -32.65 25.86
N PRO B 183 5.78 -33.52 25.62
CA PRO B 183 4.40 -33.05 25.56
C PRO B 183 3.97 -32.39 26.86
N ASP B 184 3.14 -31.34 26.71
CA ASP B 184 2.60 -30.58 27.83
C ASP B 184 1.10 -30.83 27.92
N PRO B 185 0.62 -31.66 28.86
CA PRO B 185 -0.81 -32.04 28.85
C PRO B 185 -1.78 -30.92 29.14
N ARG B 186 -1.31 -29.69 29.36
CA ARG B 186 -2.20 -28.56 29.59
C ARG B 186 -2.58 -27.81 28.33
N GLN B 187 -2.01 -28.18 27.17
CA GLN B 187 -2.13 -27.38 25.97
C GLN B 187 -3.31 -27.82 25.11
N ALA B 188 -4.05 -26.83 24.60
CA ALA B 188 -5.19 -27.09 23.73
C ALA B 188 -4.78 -27.44 22.29
N PHE B 189 -3.52 -27.17 21.92
CA PHE B 189 -2.95 -27.57 20.64
C PHE B 189 -1.62 -28.24 20.93
N ASN B 190 -1.32 -29.32 20.20
CA ASN B 190 -0.05 -30.00 20.41
C ASN B 190 0.48 -30.48 19.05
N ALA B 191 1.56 -31.26 19.10
CA ALA B 191 2.25 -31.65 17.88
C ALA B 191 1.33 -32.40 16.93
N GLU B 192 0.37 -33.15 17.46
CA GLU B 192 -0.50 -33.97 16.64
C GLU B 192 -1.72 -33.22 16.13
N THR B 193 -2.19 -32.20 16.84
CA THR B 193 -3.44 -31.53 16.46
C THR B 193 -3.24 -30.17 15.81
N ALA B 194 -2.03 -29.62 15.84
CA ALA B 194 -1.84 -28.25 15.36
C ALA B 194 -2.16 -28.14 13.88
N PHE B 195 -1.67 -29.07 13.07
CA PHE B 195 -1.91 -28.91 11.63
C PHE B 195 -3.38 -29.16 11.30
N PRO B 196 -4.03 -30.19 11.85
CA PRO B 196 -5.49 -30.28 11.65
C PRO B 196 -6.25 -29.03 12.12
N ALA B 197 -5.82 -28.43 13.23
CA ALA B 197 -6.48 -27.19 13.67
C ALA B 197 -6.31 -26.08 12.64
N LEU B 198 -5.13 -25.98 12.03
CA LEU B 198 -4.92 -24.99 10.99
C LEU B 198 -5.83 -25.24 9.80
N GLN B 199 -5.92 -26.50 9.36
CA GLN B 199 -6.78 -26.85 8.23
C GLN B 199 -8.23 -26.47 8.51
N GLU B 200 -8.70 -26.72 9.74
CA GLU B 200 -10.06 -26.37 10.10
C GLU B 200 -10.27 -24.86 10.08
N TYR B 201 -9.28 -24.11 10.57
CA TYR B 201 -9.38 -22.65 10.54
C TYR B 201 -9.48 -22.15 9.10
N VAL B 202 -8.61 -22.67 8.24
CA VAL B 202 -8.61 -22.24 6.84
C VAL B 202 -9.93 -22.56 6.18
N ARG B 203 -10.47 -23.75 6.45
CA ARG B 203 -11.78 -24.08 5.89
C ARG B 203 -12.85 -23.11 6.35
N ARG B 204 -12.85 -22.78 7.65
CA ARG B 204 -13.81 -21.82 8.18
C ARG B 204 -13.63 -20.45 7.54
N HIS B 205 -12.38 -20.05 7.31
CA HIS B 205 -12.11 -18.76 6.66
C HIS B 205 -12.66 -18.72 5.25
N VAL B 206 -12.41 -19.78 4.47
CA VAL B 206 -12.97 -19.87 3.13
C VAL B 206 -14.49 -19.75 3.20
N ALA B 207 -15.12 -20.47 4.14
CA ALA B 207 -16.58 -20.42 4.27
C ALA B 207 -17.07 -19.03 4.62
N ARG B 208 -16.34 -18.33 5.50
CA ARG B 208 -16.72 -16.96 5.86
C ARG B 208 -16.72 -16.05 4.64
N ARG B 209 -15.65 -16.08 3.86
CA ARG B 209 -15.51 -15.16 2.74
C ARG B 209 -16.39 -15.56 1.57
N ARG B 210 -16.67 -16.86 1.43
CA ARG B 210 -17.62 -17.30 0.42
C ARG B 210 -19.01 -16.75 0.70
N ALA B 211 -19.41 -16.75 1.97
CA ALA B 211 -20.72 -16.19 2.34
C ALA B 211 -20.73 -14.67 2.24
N GLU B 212 -19.63 -14.02 2.60
CA GLU B 212 -19.55 -12.55 2.58
C GLU B 212 -18.21 -12.13 1.99
N PRO B 213 -18.12 -12.02 0.66
CA PRO B 213 -16.85 -11.63 0.05
C PRO B 213 -16.50 -10.18 0.38
N VAL B 214 -15.21 -9.91 0.43
CA VAL B 214 -14.68 -8.60 0.78
C VAL B 214 -13.78 -8.12 -0.35
N GLU B 215 -14.05 -6.92 -0.85
CA GLU B 215 -13.24 -6.35 -1.92
C GLU B 215 -11.80 -6.19 -1.45
N GLY B 216 -10.87 -6.73 -2.24
CA GLY B 216 -9.45 -6.64 -1.91
C GLY B 216 -8.94 -7.71 -0.97
N ASP B 217 -9.82 -8.54 -0.45
CA ASP B 217 -9.43 -9.64 0.42
C ASP B 217 -8.89 -10.79 -0.43
N LEU B 218 -7.75 -11.35 -0.03
CA LEU B 218 -7.09 -12.35 -0.87
C LEU B 218 -7.98 -13.57 -1.09
N THR B 219 -8.53 -14.12 -0.01
CA THR B 219 -9.38 -15.30 -0.16
C THR B 219 -10.57 -15.01 -1.05
N SER B 220 -11.22 -13.87 -0.85
CA SER B 220 -12.35 -13.49 -1.69
C SER B 220 -11.94 -13.43 -3.16
N ALA B 221 -10.75 -12.92 -3.43
CA ALA B 221 -10.30 -12.81 -4.82
C ALA B 221 -10.11 -14.19 -5.45
N THR B 222 -9.68 -15.19 -4.68
CA THR B 222 -9.43 -16.51 -5.27
C THR B 222 -10.70 -17.15 -5.82
N PHE B 223 -11.89 -16.74 -5.35
CA PHE B 223 -13.11 -17.32 -5.89
C PHE B 223 -13.28 -17.01 -7.37
N ASP B 224 -12.62 -15.97 -7.88
CA ASP B 224 -12.71 -15.59 -9.28
C ASP B 224 -11.44 -15.92 -10.06
N TRP B 225 -10.47 -16.56 -9.43
CA TRP B 225 -9.24 -16.94 -10.10
C TRP B 225 -9.45 -18.15 -11.00
N GLU B 226 -8.79 -18.14 -12.15
CA GLU B 226 -8.61 -19.32 -12.98
C GLU B 226 -7.15 -19.73 -12.98
N ILE B 227 -6.92 -21.04 -12.92
CA ILE B 227 -5.61 -21.65 -13.10
C ILE B 227 -5.79 -22.77 -14.10
N ASP B 228 -4.96 -22.81 -15.13
CA ASP B 228 -5.04 -23.86 -16.15
C ASP B 228 -6.41 -23.85 -16.82
N GLY B 229 -7.01 -22.66 -16.94
CA GLY B 229 -8.25 -22.49 -17.66
C GLY B 229 -9.51 -22.81 -16.91
N THR B 230 -9.42 -23.30 -15.68
CA THR B 230 -10.59 -23.63 -14.88
C THR B 230 -10.52 -22.95 -13.53
N PRO B 231 -11.67 -22.79 -12.86
CA PRO B 231 -11.67 -22.13 -11.56
C PRO B 231 -10.78 -22.84 -10.57
N VAL B 232 -10.21 -22.06 -9.65
CA VAL B 232 -9.43 -22.62 -8.55
C VAL B 232 -10.32 -23.53 -7.72
N SER B 233 -9.80 -24.70 -7.37
CA SER B 233 -10.53 -25.62 -6.52
C SER B 233 -10.42 -25.22 -5.06
N ASP B 234 -11.39 -25.67 -4.26
CA ASP B 234 -11.30 -25.45 -2.82
C ASP B 234 -10.08 -26.13 -2.22
N ALA B 235 -9.70 -27.30 -2.75
CA ALA B 235 -8.51 -27.98 -2.24
C ALA B 235 -7.27 -27.12 -2.44
N ASP B 236 -7.11 -26.54 -3.64
CA ASP B 236 -5.94 -25.72 -3.90
C ASP B 236 -5.98 -24.41 -3.12
N ARG B 237 -7.18 -23.83 -2.98
CA ARG B 237 -7.36 -22.62 -2.20
C ARG B 237 -6.96 -22.84 -0.74
N GLU B 238 -7.41 -23.96 -0.16
CA GLU B 238 -7.01 -24.28 1.21
C GLU B 238 -5.51 -24.54 1.30
N SER B 239 -4.94 -25.24 0.31
CA SER B 239 -3.50 -25.48 0.32
C SER B 239 -2.74 -24.16 0.33
N LEU B 240 -3.09 -23.23 -0.55
CA LEU B 240 -2.44 -21.93 -0.61
C LEU B 240 -2.49 -21.22 0.74
N LEU B 241 -3.67 -21.16 1.36
CA LEU B 241 -3.78 -20.46 2.63
C LEU B 241 -2.96 -21.14 3.71
N THR B 242 -2.94 -22.48 3.72
CA THR B 242 -2.10 -23.21 4.66
C THR B 242 -0.63 -22.88 4.43
N VAL B 243 -0.19 -22.87 3.18
CA VAL B 243 1.20 -22.56 2.88
C VAL B 243 1.57 -21.14 3.34
N LEU B 244 0.68 -20.16 3.11
CA LEU B 244 1.01 -18.80 3.51
C LEU B 244 1.19 -18.70 5.02
N PHE B 245 0.38 -19.45 5.79
CA PHE B 245 0.54 -19.47 7.24
C PHE B 245 1.86 -20.15 7.63
N LEU B 246 2.11 -21.32 7.06
CA LEU B 246 3.29 -22.10 7.44
C LEU B 246 4.58 -21.41 7.02
N ALA B 247 4.55 -20.63 5.94
CA ALA B 247 5.72 -19.99 5.39
C ALA B 247 5.95 -18.58 5.92
N GLY B 248 4.90 -17.92 6.40
CA GLY B 248 4.93 -16.48 6.61
C GLY B 248 5.37 -15.96 7.96
N VAL B 249 5.77 -16.80 8.92
CA VAL B 249 6.09 -16.31 10.26
C VAL B 249 7.52 -16.66 10.68
N ASP B 250 7.83 -17.95 10.75
CA ASP B 250 8.99 -18.41 11.52
C ASP B 250 10.30 -17.87 10.96
N SER B 251 10.49 -17.89 9.63
CA SER B 251 11.74 -17.41 9.09
C SER B 251 11.95 -15.93 9.40
N THR B 252 10.88 -15.13 9.31
CA THR B 252 10.98 -13.71 9.62
C THR B 252 11.33 -13.50 11.10
N VAL B 253 10.61 -14.20 11.99
CA VAL B 253 10.85 -14.07 13.43
C VAL B 253 12.30 -14.42 13.75
N ASN B 254 12.78 -15.52 13.20
CA ASN B 254 14.11 -15.98 13.63
C ASN B 254 15.21 -15.12 13.05
N HIS B 255 14.99 -14.51 11.87
CA HIS B 255 15.93 -13.50 11.40
C HIS B 255 15.93 -12.28 12.29
N MET B 256 14.74 -11.83 12.70
CA MET B 256 14.67 -10.70 13.63
C MET B 256 15.44 -11.02 14.90
N ALA B 257 15.29 -12.24 15.42
CA ALA B 257 15.87 -12.59 16.71
C ALA B 257 17.38 -12.75 16.63
N ASN B 258 17.86 -13.46 15.61
CA ASN B 258 19.31 -13.64 15.49
C ASN B 258 20.01 -12.29 15.27
N GLY B 259 19.39 -11.40 14.51
CA GLY B 259 19.97 -10.08 14.32
C GLY B 259 20.04 -9.29 15.63
N ILE B 260 18.91 -9.21 16.35
CA ILE B 260 18.90 -8.42 17.58
C ILE B 260 19.81 -9.06 18.63
N GLN B 261 19.90 -10.39 18.66
CA GLN B 261 20.82 -11.03 19.60
C GLN B 261 22.25 -10.61 19.31
N HIS B 262 22.63 -10.60 18.03
CA HIS B 262 23.97 -10.14 17.67
C HIS B 262 24.21 -8.71 18.14
N LEU B 263 23.28 -7.80 17.85
CA LEU B 263 23.43 -6.41 18.25
C LEU B 263 23.50 -6.27 19.77
N ALA B 264 22.81 -7.14 20.51
CA ALA B 264 22.82 -7.07 21.96
C ALA B 264 24.18 -7.38 22.59
N HIS B 265 25.07 -8.12 21.91
CA HIS B 265 26.39 -8.34 22.49
C HIS B 265 27.53 -7.88 21.59
N HIS B 266 27.23 -7.09 20.56
CA HIS B 266 28.25 -6.40 19.76
C HIS B 266 27.96 -4.90 19.78
N PRO B 267 28.47 -4.18 20.79
CA PRO B 267 28.12 -2.75 20.92
C PRO B 267 28.49 -1.92 19.71
N GLY B 268 29.60 -2.22 19.04
CA GLY B 268 29.96 -1.45 17.86
C GLY B 268 28.89 -1.53 16.79
N ASP B 269 28.44 -2.74 16.48
CA ASP B 269 27.39 -2.91 15.48
C ASP B 269 26.08 -2.30 15.94
N ARG B 270 25.73 -2.47 17.22
CA ARG B 270 24.52 -1.84 17.73
C ARG B 270 24.59 -0.32 17.59
N HIS B 271 25.72 0.26 17.98
CA HIS B 271 25.86 1.71 17.89
C HIS B 271 25.78 2.17 16.44
N ARG B 272 26.35 1.39 15.51
CA ARG B 272 26.26 1.73 14.09
C ARG B 272 24.81 1.76 13.64
N PHE B 273 24.06 0.68 13.89
CA PHE B 273 22.65 0.66 13.53
C PHE B 273 21.90 1.79 14.19
N LEU B 274 22.18 2.03 15.48
CA LEU B 274 21.49 3.06 16.23
C LEU B 274 21.75 4.44 15.63
N ARG B 275 23.01 4.74 15.30
CA ARG B 275 23.43 6.11 15.00
C ARG B 275 23.42 6.47 13.52
N ASP B 276 23.41 5.47 12.62
CA ASP B 276 23.63 5.67 11.18
C ASP B 276 22.43 5.13 10.41
N PRO B 277 21.38 5.92 10.24
CA PRO B 277 20.18 5.40 9.54
C PRO B 277 20.48 4.91 8.13
N GLU B 278 21.47 5.49 7.45
CA GLU B 278 21.76 5.10 6.06
C GLU B 278 22.19 3.65 5.95
N VAL B 279 22.78 3.08 7.00
CA VAL B 279 23.29 1.72 6.92
C VAL B 279 22.21 0.67 7.09
N ARG B 280 21.03 1.06 7.59
CA ARG B 280 20.10 0.06 8.10
C ARG B 280 19.64 -0.92 7.03
N PRO B 281 19.30 -0.50 5.80
CA PRO B 281 18.92 -1.51 4.79
C PRO B 281 20.04 -2.50 4.48
N ALA B 282 21.27 -2.01 4.37
CA ALA B 282 22.41 -2.90 4.13
C ALA B 282 22.63 -3.85 5.31
N ALA B 283 22.40 -3.36 6.54
CA ALA B 283 22.54 -4.20 7.72
C ALA B 283 21.53 -5.34 7.71
N VAL B 284 20.29 -5.04 7.30
CA VAL B 284 19.29 -6.09 7.19
C VAL B 284 19.73 -7.14 6.18
N GLU B 285 20.26 -6.70 5.02
CA GLU B 285 20.70 -7.68 4.02
C GLU B 285 21.86 -8.52 4.53
N GLU B 286 22.77 -7.92 5.30
CA GLU B 286 23.91 -8.69 5.80
C GLU B 286 23.45 -9.71 6.85
N PHE B 287 22.51 -9.35 7.71
CA PHE B 287 21.97 -10.32 8.65
C PHE B 287 21.18 -11.41 7.94
N LEU B 288 20.42 -11.06 6.90
CA LEU B 288 19.76 -12.09 6.11
C LEU B 288 20.77 -13.09 5.56
N ARG B 289 21.90 -12.61 5.06
CA ARG B 289 22.93 -13.53 4.59
C ARG B 289 23.45 -14.39 5.73
N VAL B 290 23.89 -13.75 6.82
CA VAL B 290 24.63 -14.43 7.88
C VAL B 290 23.77 -15.48 8.57
N ASN B 291 22.48 -15.19 8.73
CA ASN B 291 21.60 -16.02 9.54
C ASN B 291 20.71 -16.93 8.70
N SER B 292 21.05 -17.13 7.43
CA SER B 292 20.32 -18.08 6.59
C SER B 292 20.53 -19.51 7.07
N CYS B 293 19.46 -20.28 7.05
CA CYS B 293 19.51 -21.64 7.59
C CYS B 293 18.57 -22.61 6.88
N MET B 294 17.73 -22.16 5.94
CA MET B 294 16.90 -23.08 5.19
C MET B 294 17.74 -23.96 4.28
N TYR B 295 17.23 -25.16 4.00
CA TYR B 295 17.86 -26.07 3.04
C TYR B 295 16.79 -26.61 2.10
N PRO B 296 16.30 -25.79 1.18
CA PRO B 296 15.27 -26.27 0.23
C PRO B 296 15.76 -27.50 -0.51
N GLY B 297 14.84 -28.42 -0.74
CA GLY B 297 15.14 -29.67 -1.42
C GLY B 297 14.60 -29.69 -2.83
N ARG B 298 15.26 -30.49 -3.67
CA ARG B 298 14.85 -30.72 -5.04
C ARG B 298 15.03 -32.20 -5.38
N LEU B 299 14.32 -32.64 -6.40
CA LEU B 299 14.40 -34.00 -6.91
C LEU B 299 15.15 -33.97 -8.23
N ALA B 300 16.28 -34.68 -8.28
CA ALA B 300 17.04 -34.76 -9.53
C ALA B 300 16.29 -35.60 -10.55
N THR B 301 16.10 -35.05 -11.75
CA THR B 301 15.29 -35.71 -12.77
C THR B 301 16.13 -36.42 -13.83
N ARG B 302 17.45 -36.33 -13.75
CA ARG B 302 18.30 -37.01 -14.72
C ARG B 302 19.59 -37.44 -14.04
N GLU B 303 20.21 -38.47 -14.61
CA GLU B 303 21.55 -38.85 -14.21
C GLU B 303 22.51 -37.70 -14.45
N GLY B 304 23.42 -37.49 -13.52
CA GLY B 304 24.42 -36.47 -13.65
C GLY B 304 23.99 -35.08 -13.26
N ALA B 305 22.82 -34.93 -12.63
CA ALA B 305 22.36 -33.61 -12.21
C ALA B 305 23.35 -32.96 -11.25
N GLY B 306 23.73 -31.73 -11.55
CA GLY B 306 24.70 -31.03 -10.72
C GLY B 306 26.08 -31.62 -10.81
N GLY B 307 26.30 -32.52 -11.76
CA GLY B 307 27.54 -33.24 -11.89
C GLY B 307 27.72 -34.40 -10.93
N VAL B 308 26.77 -34.64 -10.03
CA VAL B 308 26.99 -35.60 -8.94
C VAL B 308 25.80 -36.52 -8.69
N ALA B 309 24.59 -36.05 -8.94
CA ALA B 309 23.40 -36.74 -8.48
C ALA B 309 22.85 -37.70 -9.53
N SER B 310 22.12 -38.71 -9.05
CA SER B 310 21.46 -39.69 -9.90
C SER B 310 19.98 -39.37 -10.00
N GLN B 311 19.36 -39.90 -11.05
CA GLN B 311 17.95 -39.67 -11.27
C GLN B 311 17.13 -40.23 -10.12
N GLY B 312 16.30 -39.39 -9.52
CA GLY B 312 15.53 -39.78 -8.36
C GLY B 312 16.12 -39.37 -7.03
N ASP B 313 17.36 -38.88 -7.01
CA ASP B 313 18.00 -38.46 -5.77
C ASP B 313 17.39 -37.18 -5.22
N THR B 314 17.31 -37.11 -3.89
CA THR B 314 17.08 -35.86 -3.19
C THR B 314 18.36 -35.04 -3.16
N VAL B 315 18.23 -33.74 -3.46
CA VAL B 315 19.34 -32.80 -3.45
C VAL B 315 18.93 -31.62 -2.59
N LEU B 316 19.73 -31.31 -1.57
CA LEU B 316 19.49 -30.17 -0.70
C LEU B 316 20.36 -28.99 -1.13
N LEU B 317 19.80 -27.78 -0.98
CA LEU B 317 20.41 -26.54 -1.42
C LEU B 317 20.55 -25.62 -0.22
N PRO B 318 21.51 -25.88 0.67
CA PRO B 318 21.57 -25.15 1.94
C PRO B 318 22.01 -23.69 1.75
N LEU B 319 21.16 -22.77 2.18
CA LEU B 319 21.52 -21.36 2.10
C LEU B 319 22.67 -21.04 3.05
N ALA B 320 22.84 -21.81 4.12
CA ALA B 320 23.97 -21.64 5.02
C ALA B 320 25.31 -21.90 4.34
N LEU B 321 25.31 -22.67 3.24
CA LEU B 321 26.53 -22.89 2.46
C LEU B 321 26.64 -21.87 1.34
N ALA B 322 25.57 -21.62 0.60
CA ALA B 322 25.67 -20.68 -0.52
C ALA B 322 26.10 -19.30 -0.03
N ASN B 323 25.51 -18.83 1.07
CA ASN B 323 25.72 -17.48 1.54
C ASN B 323 27.01 -17.31 2.32
N TYR B 324 27.79 -18.38 2.50
CA TYR B 324 29.10 -18.34 3.14
C TYR B 324 30.22 -18.76 2.19
N ASP B 325 29.94 -18.85 0.90
CA ASP B 325 30.92 -19.25 -0.09
C ASP B 325 32.00 -18.19 -0.18
N PRO B 326 33.25 -18.48 0.19
CA PRO B 326 34.26 -17.41 0.21
C PRO B 326 34.63 -16.90 -1.18
N ALA B 327 34.33 -17.67 -2.24
CA ALA B 327 34.57 -17.18 -3.59
C ALA B 327 33.63 -16.03 -3.95
N VAL B 328 32.58 -15.80 -3.17
CA VAL B 328 31.60 -14.76 -3.42
C VAL B 328 31.53 -13.74 -2.29
N PHE B 329 31.71 -14.19 -1.05
CA PHE B 329 31.59 -13.35 0.13
C PHE B 329 32.91 -13.42 0.88
N PRO B 330 33.85 -12.51 0.59
CA PRO B 330 35.12 -12.53 1.34
C PRO B 330 34.88 -12.42 2.84
N GLU B 331 35.72 -13.12 3.60
CA GLU B 331 35.58 -13.26 5.05
C GLU B 331 34.12 -13.54 5.38
N PRO B 332 33.57 -14.67 4.93
CA PRO B 332 32.11 -14.87 5.00
C PRO B 332 31.57 -14.96 6.42
N GLU B 333 32.40 -15.32 7.38
CA GLU B 333 31.96 -15.40 8.77
C GLU B 333 31.78 -14.02 9.40
N ARG B 334 32.35 -12.98 8.82
CA ARG B 334 32.27 -11.66 9.44
C ARG B 334 30.97 -10.96 9.08
N VAL B 335 30.33 -10.39 10.10
CA VAL B 335 29.18 -9.51 9.89
C VAL B 335 29.74 -8.15 9.47
N ASP B 336 29.49 -7.76 8.22
CA ASP B 336 30.10 -6.58 7.61
C ASP B 336 28.99 -5.83 6.90
N PHE B 337 28.56 -4.71 7.47
CA PHE B 337 27.48 -3.90 6.90
C PHE B 337 27.93 -3.11 5.68
N ASP B 338 29.23 -3.08 5.38
CA ASP B 338 29.78 -2.25 4.32
C ASP B 338 30.37 -3.07 3.17
N ARG B 339 29.86 -4.27 2.93
CA ARG B 339 30.31 -5.05 1.79
C ARG B 339 29.98 -4.32 0.48
N GLU B 340 30.95 -4.30 -0.44
CA GLU B 340 30.72 -3.63 -1.72
C GLU B 340 29.63 -4.33 -2.51
N GLN B 341 29.61 -5.65 -2.46
CA GLN B 341 28.58 -6.47 -3.08
C GLN B 341 28.11 -7.51 -2.07
N ASN B 342 26.81 -7.76 -2.03
CA ASN B 342 26.26 -8.78 -1.15
C ASN B 342 25.11 -9.50 -1.87
N PRO B 343 25.45 -10.32 -2.87
CA PRO B 343 24.44 -11.02 -3.68
C PRO B 343 23.92 -12.30 -3.02
N HIS B 344 23.53 -12.18 -1.76
CA HIS B 344 23.06 -13.35 -1.02
C HIS B 344 21.76 -13.86 -1.62
N ILE B 345 21.46 -15.14 -1.36
CA ILE B 345 20.21 -15.74 -1.79
C ILE B 345 19.42 -16.20 -0.57
N ALA B 346 19.31 -15.34 0.44
CA ALA B 346 18.54 -15.67 1.64
C ALA B 346 17.09 -15.99 1.31
N PHE B 347 16.58 -15.51 0.18
CA PHE B 347 15.21 -15.75 -0.24
C PHE B 347 15.14 -16.72 -1.42
N GLY B 348 16.22 -17.47 -1.67
CA GLY B 348 16.27 -18.34 -2.83
C GLY B 348 16.50 -17.56 -4.11
N THR B 349 16.32 -18.28 -5.20
CA THR B 349 16.44 -17.71 -6.54
C THR B 349 15.73 -18.69 -7.48
N GLY B 350 15.61 -18.28 -8.74
CA GLY B 350 14.81 -19.05 -9.65
C GLY B 350 13.32 -18.80 -9.42
N HIS B 351 12.49 -19.68 -10.01
CA HIS B 351 11.06 -19.42 -10.08
C HIS B 351 10.40 -19.38 -8.70
N HIS B 352 10.89 -20.15 -7.75
CA HIS B 352 10.25 -20.25 -6.45
C HIS B 352 10.80 -19.27 -5.42
N GLN B 353 11.61 -18.31 -5.86
CA GLN B 353 12.12 -17.27 -4.99
C GLN B 353 11.01 -16.68 -4.13
N CYS B 354 11.33 -16.42 -2.86
CA CYS B 354 10.31 -16.13 -1.85
C CYS B 354 9.28 -15.09 -2.32
N LEU B 355 8.02 -15.48 -2.22
CA LEU B 355 6.90 -14.58 -2.49
C LEU B 355 6.88 -13.39 -1.52
N GLY B 356 7.32 -13.60 -0.28
CA GLY B 356 7.15 -12.61 0.76
C GLY B 356 8.40 -11.80 1.07
N ALA B 357 9.39 -11.84 0.16
CA ALA B 357 10.69 -11.26 0.47
C ALA B 357 10.61 -9.77 0.80
N ALA B 358 9.91 -9.00 -0.03
CA ALA B 358 9.78 -7.57 0.25
C ALA B 358 9.06 -7.31 1.56
N TYR B 359 8.02 -8.10 1.84
CA TYR B 359 7.27 -7.93 3.08
C TYR B 359 8.11 -8.33 4.29
N ALA B 360 8.88 -9.41 4.17
CA ALA B 360 9.77 -9.81 5.24
C ALA B 360 10.80 -8.72 5.53
N ARG B 361 11.44 -8.19 4.49
CA ARG B 361 12.41 -7.11 4.63
C ARG B 361 11.82 -5.90 5.34
N ALA B 362 10.61 -5.50 4.95
CA ALA B 362 9.97 -4.35 5.57
C ALA B 362 9.70 -4.61 7.05
N GLN B 363 9.27 -5.83 7.39
CA GLN B 363 8.98 -6.16 8.79
C GLN B 363 10.25 -6.13 9.64
N ILE B 364 11.34 -6.68 9.12
CA ILE B 364 12.58 -6.74 9.89
C ILE B 364 13.13 -5.34 10.11
N LEU B 365 13.29 -4.57 9.03
CA LEU B 365 13.86 -3.24 9.14
C LEU B 365 13.00 -2.36 10.04
N THR B 366 11.68 -2.42 9.88
CA THR B 366 10.79 -1.53 10.62
C THR B 366 10.82 -1.86 12.11
N ALA B 367 10.81 -3.15 12.47
CA ALA B 367 10.87 -3.54 13.87
C ALA B 367 12.17 -3.08 14.51
N TRP B 368 13.29 -3.30 13.83
CA TRP B 368 14.57 -2.89 14.38
C TRP B 368 14.68 -1.39 14.48
N GLU B 369 14.09 -0.65 13.54
CA GLU B 369 14.05 0.81 13.64
C GLU B 369 13.29 1.26 14.89
N GLU B 370 12.08 0.75 15.08
CA GLU B 370 11.30 1.16 16.26
C GLU B 370 11.94 0.66 17.54
N TRP B 371 12.61 -0.49 17.50
CA TRP B 371 13.27 -1.00 18.70
C TRP B 371 14.33 -0.01 19.18
N HIS B 372 15.16 0.48 18.26
CA HIS B 372 16.25 1.37 18.66
C HIS B 372 15.78 2.77 19.00
N GLU B 373 14.58 3.16 18.54
CA GLU B 373 14.00 4.43 18.96
C GLU B 373 13.60 4.39 20.43
N LEU B 374 13.05 3.28 20.89
CA LEU B 374 12.51 3.16 22.24
C LEU B 374 13.46 2.46 23.20
N ILE B 375 14.34 1.61 22.68
CA ILE B 375 15.29 0.82 23.46
C ILE B 375 16.63 0.92 22.75
N PRO B 376 17.30 2.08 22.80
CA PRO B 376 18.56 2.21 22.06
C PRO B 376 19.70 1.40 22.64
N ASP B 377 19.66 1.09 23.93
CA ASP B 377 20.73 0.35 24.60
C ASP B 377 20.14 -0.85 25.30
N TYR B 378 20.77 -2.00 25.12
CA TYR B 378 20.20 -3.25 25.62
C TYR B 378 21.31 -4.28 25.57
N ARG B 379 21.08 -5.42 26.21
CA ARG B 379 22.13 -6.42 26.36
C ARG B 379 21.49 -7.78 26.62
N LEU B 380 22.33 -8.81 26.57
CA LEU B 380 21.93 -10.13 27.03
C LEU B 380 22.14 -10.26 28.54
N PRO B 381 21.25 -10.95 29.26
CA PRO B 381 21.35 -11.01 30.73
C PRO B 381 22.61 -11.68 31.24
N ASP B 382 23.05 -12.75 30.58
CA ASP B 382 24.20 -13.53 31.03
C ASP B 382 25.35 -13.36 30.05
N PRO B 383 26.27 -12.41 30.28
CA PRO B 383 27.38 -12.21 29.33
C PRO B 383 28.39 -13.34 29.32
N THR B 384 28.29 -14.33 30.23
CA THR B 384 29.21 -15.46 30.23
C THR B 384 28.83 -16.53 29.23
N VAL B 385 27.64 -16.44 28.64
CA VAL B 385 27.18 -17.40 27.64
C VAL B 385 27.61 -16.93 26.26
N GLU B 386 28.13 -17.84 25.45
CA GLU B 386 28.34 -17.55 24.04
C GLU B 386 27.01 -17.67 23.32
N PRO B 387 26.46 -16.60 22.76
CA PRO B 387 25.08 -16.66 22.25
C PRO B 387 24.96 -17.68 21.13
N PRO B 388 23.98 -18.57 21.20
CA PRO B 388 23.84 -19.60 20.17
C PRO B 388 23.02 -19.10 18.98
N PHE B 389 23.18 -19.81 17.87
CA PHE B 389 22.31 -19.58 16.73
C PHE B 389 20.89 -19.99 17.12
N LEU B 390 19.94 -19.10 16.88
CA LEU B 390 18.56 -19.28 17.31
C LEU B 390 17.75 -19.97 16.23
N ARG B 391 17.18 -21.13 16.58
CA ARG B 391 16.35 -21.91 15.69
C ARG B 391 15.51 -22.84 16.56
N ASN B 392 14.46 -23.40 15.95
CA ASN B 392 13.56 -24.34 16.65
C ASN B 392 13.09 -23.67 17.94
N VAL B 393 13.15 -24.34 19.08
CA VAL B 393 12.68 -23.79 20.35
C VAL B 393 13.84 -23.08 21.02
N TYR B 394 13.64 -21.80 21.33
CA TYR B 394 14.63 -21.02 22.07
C TYR B 394 13.88 -19.93 22.82
N ASP B 395 14.57 -19.32 23.78
CA ASP B 395 14.03 -18.18 24.53
C ASP B 395 15.10 -17.09 24.53
N LEU B 396 14.92 -16.04 23.73
CA LEU B 396 15.89 -14.95 23.65
C LEU B 396 15.46 -13.86 24.64
N ARG B 397 16.15 -13.78 25.76
CA ARG B 397 15.93 -12.69 26.71
C ARG B 397 16.83 -11.52 26.37
N ILE B 398 16.23 -10.33 26.30
CA ILE B 398 16.93 -9.06 26.15
C ILE B 398 16.58 -8.21 27.37
N VAL B 399 17.57 -7.49 27.92
CA VAL B 399 17.33 -6.63 29.06
C VAL B 399 17.90 -5.24 28.79
N TRP B 400 17.38 -4.26 29.53
CA TRP B 400 17.79 -2.87 29.35
C TRP B 400 17.47 -2.09 30.60
FE HEC C . -9.74 15.32 -7.67
CHA HEC C . -9.84 16.08 -11.02
CHB HEC C . -12.98 16.39 -7.37
CHC HEC C . -9.66 14.52 -4.33
CHD HEC C . -6.39 14.59 -7.87
NA HEC C . -11.13 16.13 -8.95
C1A HEC C . -10.99 16.27 -10.32
C2A HEC C . -12.26 16.69 -10.88
C3A HEC C . -13.14 16.77 -9.85
C4A HEC C . -12.44 16.42 -8.63
CMA HEC C . -14.63 17.17 -9.91
CAA HEC C . -12.53 16.95 -12.38
CBA HEC C . -12.21 18.40 -12.74
CGA HEC C . -12.54 18.69 -14.18
O1A HEC C . -12.20 19.81 -14.64
O2A HEC C . -13.11 17.80 -14.87
NB HEC C . -11.05 15.47 -6.13
C1B HEC C . -12.35 15.93 -6.24
C2B HEC C . -12.95 15.83 -4.92
C3B HEC C . -12.05 15.29 -4.09
C4B HEC C . -10.83 15.06 -4.83
CMB HEC C . -14.41 16.25 -4.63
CAB HEC C . -12.15 14.99 -2.58
CBB HEC C . -13.47 14.40 -2.10
NC HEC C . -8.27 14.71 -6.33
C1C HEC C . -8.49 14.35 -5.02
C2C HEC C . -7.26 13.78 -4.50
C3C HEC C . -6.36 13.78 -5.50
C4C HEC C . -6.98 14.37 -6.66
CMC HEC C . -7.10 13.22 -3.06
CAC HEC C . -4.89 13.29 -5.49
CBC HEC C . -4.78 11.89 -4.86
ND HEC C . -8.37 15.34 -9.18
C1D HEC C . -7.02 15.01 -9.02
C2D HEC C . -6.34 15.17 -10.28
C3D HEC C . -7.41 15.62 -11.26
C4D HEC C . -8.63 15.70 -10.50
CMD HEC C . -4.85 14.92 -10.56
CAD HEC C . -7.24 15.95 -12.76
CBD HEC C . -7.56 14.71 -13.57
CGD HEC C . -7.50 15.01 -15.06
O1D HEC C . -7.43 14.04 -15.86
O2D HEC C . -7.53 16.20 -15.43
HHA HEC C . -9.88 16.22 -12.00
HHB HEC C . -13.88 16.74 -7.26
HHC HEC C . -9.68 14.25 -3.39
HHD HEC C . -5.43 14.43 -7.93
HMA1 HEC C . -15.18 16.43 -9.57
HMA2 HEC C . -14.88 17.36 -10.83
HMA3 HEC C . -14.78 17.96 -9.36
HAA1 HEC C . -13.47 16.78 -12.58
HAA2 HEC C . -11.98 16.37 -12.91
HBA1 HEC C . -11.26 18.56 -12.59
HBA2 HEC C . -12.72 18.99 -12.17
HMB1 HEC C . -14.42 16.96 -3.96
HMB2 HEC C . -14.91 15.48 -4.30
HMB3 HEC C . -14.82 16.58 -5.44
HAB HEC C . -11.97 15.80 -2.09
HBB1 HEC C . -13.31 13.53 -1.68
HBB2 HEC C . -14.07 14.29 -2.84
HBB3 HEC C . -13.87 15.00 -1.44
HMC1 HEC C . -6.41 13.72 -2.60
HMC2 HEC C . -6.86 12.29 -3.11
HMC3 HEC C . -7.94 13.32 -2.59
HAC HEC C . -4.35 13.90 -4.98
HBC1 HEC C . -4.41 11.27 -5.51
HBC2 HEC C . -5.65 11.59 -4.59
HBC3 HEC C . -4.19 11.93 -4.09
HMD1 HEC C . -4.75 14.22 -11.25
HMD2 HEC C . -4.41 14.61 -9.73
HMD3 HEC C . -4.43 15.74 -10.87
HAD1 HEC C . -6.32 16.21 -12.93
HAD2 HEC C . -7.84 16.67 -13.01
HBD1 HEC C . -8.45 14.40 -13.34
HBD2 HEC C . -6.92 14.01 -13.36
FE HEC D . 9.49 -17.15 2.01
CHA HEC D . 9.54 -19.37 -0.62
CHB HEC D . 12.83 -17.73 2.53
CHC HEC D . 9.46 -14.88 4.54
CHD HEC D . 6.06 -16.82 1.71
NA HEC D . 10.91 -18.36 1.15
C1A HEC D . 10.73 -19.14 0.03
C2A HEC D . 12.01 -19.70 -0.36
C3A HEC D . 12.93 -19.23 0.51
C4A HEC D . 12.25 -18.39 1.48
CMA HEC D . 14.45 -19.55 0.50
CAA HEC D . 12.28 -20.63 -1.56
CBA HEC D . 12.05 -22.09 -1.18
CGA HEC D . 12.28 -23.04 -2.35
O1A HEC D . 11.97 -24.26 -2.20
O2A HEC D . 12.77 -22.58 -3.41
NB HEC D . 10.86 -16.47 3.31
C1B HEC D . 12.21 -16.81 3.34
C2B HEC D . 12.84 -16.06 4.40
C3B HEC D . 11.89 -15.26 4.93
C4B HEC D . 10.64 -15.51 4.27
CMB HEC D . 14.34 -16.19 4.74
CAB HEC D . 11.98 -14.26 6.09
CBB HEC D . 13.27 -13.45 6.16
NC HEC D . 8.01 -16.08 2.98
C1C HEC D . 8.25 -15.12 3.93
C2C HEC D . 7.00 -14.47 4.25
C3C HEC D . 6.06 -14.97 3.43
C4C HEC D . 6.67 -16.02 2.64
CMC HEC D . 6.88 -13.29 5.23
CAC HEC D . 4.57 -14.58 3.37
CBC HEC D . 4.42 -13.06 3.21
ND HEC D . 8.05 -17.95 0.75
C1D HEC D . 6.69 -17.66 0.85
C2D HEC D . 6.00 -18.45 -0.15
C3D HEC D . 7.08 -19.25 -0.88
C4D HEC D . 8.32 -18.88 -0.25
CMD HEC D . 4.49 -18.47 -0.41
CAD HEC D . 6.91 -20.24 -2.04
CBD HEC D . 6.99 -19.46 -3.34
CGD HEC D . 6.93 -20.37 -4.54
O1D HEC D . 6.78 -19.87 -5.68
O2D HEC D . 7.03 -21.61 -4.34
HHA HEC D . 9.57 -19.94 -1.41
HHB HEC D . 13.77 -17.94 2.72
HHC HEC D . 9.47 -14.18 5.24
HHD HEC D . 5.08 -16.78 1.67
HMA1 HEC D . 14.95 -18.72 0.40
HMA2 HEC D . 14.65 -20.15 -0.24
HMA3 HEC D . 14.69 -19.98 1.35
HAA1 HEC D . 13.20 -20.52 -1.86
HAA2 HEC D . 11.68 -20.39 -2.29
HBA1 HEC D . 11.14 -22.20 -0.87
HBA2 HEC D . 12.65 -22.33 -0.46
HMB1 HEC D . 14.44 -16.48 5.66
HMB2 HEC D . 14.77 -15.32 4.63
HMB3 HEC D . 14.76 -16.83 4.15
HAB HEC D . 11.87 -14.73 6.92
HBB1 HEC D . 13.07 -12.51 6.09
HBB2 HEC D . 13.86 -13.71 5.42
HBB3 HEC D . 13.72 -13.63 7.00
HMC1 HEC D . 6.29 -13.55 5.96
HMC2 HEC D . 6.53 -12.52 4.78
HMC3 HEC D . 7.76 -13.08 5.59
HAC HEC D . 4.17 -15.01 2.61
HBC1 HEC D . 3.95 -12.86 2.38
HBC2 HEC D . 5.30 -12.65 3.19
HBC3 HEC D . 3.93 -12.70 3.96
HMD1 HEC D . 4.31 -18.19 -1.33
HMD2 HEC D . 4.04 -17.86 0.20
HMD3 HEC D . 4.14 -19.37 -0.28
HAD1 HEC D . 6.04 -20.67 -1.98
HAD2 HEC D . 7.61 -20.91 -2.02
HBD1 HEC D . 7.82 -18.96 -3.36
HBD2 HEC D . 6.24 -18.83 -3.37
#